data_6R77
#
_entry.id   6R77
#
_cell.length_a   56.415
_cell.length_b   106.547
_cell.length_c   149.456
_cell.angle_alpha   90.00
_cell.angle_beta   90.00
_cell.angle_gamma   90.00
#
_symmetry.space_group_name_H-M   'P 21 21 21'
#
loop_
_entity.id
_entity.type
_entity.pdbx_description
1 polymer 'Proline racemase'
2 non-polymer 3-HYDROXYPROLINE
3 water water
#
_entity_poly.entity_id   1
_entity_poly.type   'polypeptide(L)'
_entity_poly.pdbx_seq_one_letter_code
;MGSHHHHHHSSGENLYFQGHMFKKLENLEKWEPPKDWMVIKTLDTHTAGEPLRIILSGFPEIPGKTILEKRRYLMENLDH
LRKALMWEPRGHADMYGAIITEPVSEEADFGVIFMHNEGYSTMCGHATIALGKVAVECGLVEAKEPITEIKMDSPAGLIK
IYVKVRDGKVEKVYFHNVPSFVLFKDETINVPGIGEVKYDLAYGGAFYAFVNAEEIGLKCTPEYYRQLIDVGMKIKRAIM
SEKEIRHPFEEDLSFLYGTIFIGEPEDENSHSRHVCIFADGEVDRSPTGTGVSARLAILYEKGEIDIGEEITIESIIGTK
FTGKVVEETRYGLYRAIIPEVGGNAYIVAKNTFLIDPQDPLKYGFFLR
;
_entity_poly.pdbx_strand_id   A,B
#
# COMPACT_ATOMS: atom_id res chain seq x y z
N MET A 21 19.85 -19.05 15.78
CA MET A 21 19.36 -17.65 15.53
C MET A 21 18.21 -17.68 14.51
N PHE A 22 18.49 -18.21 13.30
CA PHE A 22 17.49 -18.40 12.21
C PHE A 22 16.28 -19.19 12.72
N LYS A 23 16.43 -20.01 13.77
CA LYS A 23 15.31 -20.72 14.41
C LYS A 23 14.53 -19.73 15.29
N LYS A 24 15.23 -18.98 16.16
CA LYS A 24 14.67 -17.87 16.96
C LYS A 24 13.79 -17.02 16.05
N LEU A 25 14.38 -16.59 14.93
CA LEU A 25 13.75 -15.70 13.93
C LEU A 25 12.48 -16.37 13.41
N GLU A 26 12.59 -17.58 12.87
CA GLU A 26 11.41 -18.31 12.35
C GLU A 26 10.37 -18.43 13.46
N ASN A 27 10.81 -18.77 14.69
CA ASN A 27 9.93 -18.97 15.87
C ASN A 27 9.15 -17.68 16.22
N LEU A 28 9.69 -16.50 15.88
CA LEU A 28 8.92 -15.22 15.89
C LEU A 28 7.58 -15.43 15.17
N GLU A 29 7.52 -16.39 14.24
CA GLU A 29 6.24 -16.69 13.55
C GLU A 29 5.22 -17.23 14.56
N LYS A 30 5.66 -17.78 15.69
CA LYS A 30 4.75 -18.31 16.75
C LYS A 30 4.71 -17.35 17.95
N TRP A 31 5.38 -16.19 17.88
CA TRP A 31 5.25 -15.11 18.89
C TRP A 31 3.77 -14.74 19.06
N GLU A 32 3.34 -14.57 20.31
CA GLU A 32 1.93 -14.29 20.65
C GLU A 32 1.89 -12.98 21.43
N PRO A 33 1.05 -12.00 21.03
CA PRO A 33 1.03 -10.70 21.68
C PRO A 33 0.40 -10.80 23.06
N PRO A 34 0.59 -9.80 23.95
CA PRO A 34 -0.23 -9.68 25.15
C PRO A 34 -1.74 -9.76 24.88
N LYS A 35 -2.51 -10.09 25.91
CA LYS A 35 -3.95 -10.44 25.81
C LYS A 35 -4.76 -9.16 25.58
N ASP A 36 -4.23 -7.98 25.89
CA ASP A 36 -4.96 -6.70 25.67
C ASP A 36 -4.74 -6.19 24.23
N TRP A 37 -4.02 -6.93 23.37
CA TRP A 37 -3.84 -6.58 21.93
C TRP A 37 -5.08 -7.01 21.14
N MET A 38 -5.58 -6.14 20.27
CA MET A 38 -6.63 -6.49 19.28
C MET A 38 -5.97 -7.38 18.23
N VAL A 39 -6.66 -8.46 17.84
CA VAL A 39 -6.20 -9.40 16.79
C VAL A 39 -7.31 -9.47 15.73
N ILE A 40 -6.96 -9.26 14.46
CA ILE A 40 -7.93 -9.36 13.33
C ILE A 40 -7.29 -10.24 12.26
N LYS A 41 -7.92 -11.35 11.94
CA LYS A 41 -7.36 -12.34 10.98
C LYS A 41 -8.06 -12.07 9.64
N THR A 42 -7.29 -12.12 8.56
CA THR A 42 -7.79 -11.84 7.19
C THR A 42 -7.23 -12.86 6.22
N LEU A 43 -7.93 -13.02 5.11
CA LEU A 43 -7.43 -13.68 3.88
C LEU A 43 -7.43 -12.60 2.79
N ASP A 44 -6.26 -12.33 2.24
CA ASP A 44 -6.05 -11.30 1.20
C ASP A 44 -6.02 -11.99 -0.16
N THR A 45 -6.67 -11.37 -1.14
CA THR A 45 -6.66 -11.78 -2.57
C THR A 45 -6.32 -10.57 -3.42
N HIS A 46 -5.98 -10.83 -4.68
CA HIS A 46 -6.11 -9.83 -5.77
C HIS A 46 -7.05 -10.41 -6.83
N THR A 47 -7.83 -9.51 -7.42
CA THR A 47 -8.67 -9.76 -8.61
C THR A 47 -8.18 -8.80 -9.67
N ALA A 48 -7.48 -9.28 -10.71
CA ALA A 48 -6.98 -8.43 -11.80
C ALA A 48 -6.08 -7.32 -11.21
N GLY A 49 -5.39 -7.62 -10.10
CA GLY A 49 -4.47 -6.71 -9.40
C GLY A 49 -5.10 -5.95 -8.24
N GLU A 50 -6.44 -5.95 -8.13
CA GLU A 50 -7.19 -5.17 -7.11
C GLU A 50 -7.37 -6.01 -5.85
N PRO A 51 -6.88 -5.52 -4.69
CA PRO A 51 -6.87 -6.33 -3.48
C PRO A 51 -8.28 -6.51 -2.91
N LEU A 52 -8.52 -7.62 -2.22
CA LEU A 52 -9.63 -7.74 -1.26
C LEU A 52 -9.10 -8.33 0.04
N ARG A 53 -9.26 -7.56 1.11
CA ARG A 53 -8.92 -8.00 2.48
C ARG A 53 -10.21 -8.57 3.07
N ILE A 54 -10.32 -9.90 3.12
CA ILE A 54 -11.50 -10.61 3.70
C ILE A 54 -11.30 -10.78 5.21
N ILE A 55 -12.14 -10.14 6.02
CA ILE A 55 -12.07 -10.22 7.50
C ILE A 55 -12.59 -11.60 7.93
N LEU A 56 -11.75 -12.42 8.56
CA LEU A 56 -12.13 -13.76 9.06
C LEU A 56 -12.58 -13.69 10.52
N SER A 57 -12.04 -12.78 11.34
CA SER A 57 -12.34 -12.70 12.78
C SER A 57 -11.87 -11.36 13.36
N GLY A 58 -12.35 -11.02 14.55
CA GLY A 58 -11.90 -9.85 15.34
C GLY A 58 -12.90 -8.70 15.32
N PHE A 59 -13.95 -8.82 14.52
CA PHE A 59 -15.11 -7.87 14.51
C PHE A 59 -16.23 -8.44 15.37
N PRO A 60 -17.03 -7.59 16.04
CA PRO A 60 -18.23 -8.07 16.73
C PRO A 60 -19.28 -8.45 15.70
N GLU A 61 -20.40 -8.98 16.18
CA GLU A 61 -21.59 -9.26 15.35
C GLU A 61 -22.15 -7.91 14.90
N ILE A 62 -22.71 -7.88 13.70
CA ILE A 62 -23.20 -6.62 13.06
C ILE A 62 -24.72 -6.69 13.00
N PRO A 63 -25.43 -6.07 13.96
CA PRO A 63 -26.89 -6.12 13.98
C PRO A 63 -27.44 -5.38 12.76
N GLY A 64 -28.61 -5.81 12.29
CA GLY A 64 -29.40 -5.10 11.27
C GLY A 64 -30.19 -6.09 10.46
N LYS A 65 -31.43 -5.77 10.12
CA LYS A 65 -32.37 -6.64 9.36
C LYS A 65 -32.03 -6.62 7.88
N THR A 66 -31.43 -5.53 7.41
CA THR A 66 -31.00 -5.32 6.00
C THR A 66 -29.50 -5.09 5.97
N ILE A 67 -28.87 -5.27 4.80
CA ILE A 67 -27.43 -5.00 4.64
C ILE A 67 -27.17 -3.50 4.87
N LEU A 68 -28.06 -2.62 4.41
CA LEU A 68 -27.87 -1.16 4.56
C LEU A 68 -27.91 -0.76 6.03
N GLU A 69 -28.69 -1.46 6.85
CA GLU A 69 -28.76 -1.23 8.31
C GLU A 69 -27.43 -1.69 8.93
N LYS A 70 -26.94 -2.85 8.51
CA LYS A 70 -25.63 -3.39 8.96
C LYS A 70 -24.52 -2.40 8.59
N ARG A 71 -24.58 -1.86 7.36
CA ARG A 71 -23.58 -0.89 6.86
C ARG A 71 -23.60 0.36 7.75
N ARG A 72 -24.79 0.86 8.11
CA ARG A 72 -24.95 2.01 9.05
C ARG A 72 -24.35 1.69 10.40
N TYR A 73 -24.57 0.49 10.94
CA TYR A 73 -23.97 0.07 12.23
C TYR A 73 -22.44 0.20 12.15
N LEU A 74 -21.84 -0.36 11.11
CA LEU A 74 -20.37 -0.35 10.89
C LEU A 74 -19.85 1.10 10.79
N MET A 75 -20.50 1.91 9.97
CA MET A 75 -20.12 3.34 9.76
C MET A 75 -20.16 4.08 11.11
N GLU A 76 -21.18 3.83 11.92
CA GLU A 76 -21.42 4.61 13.18
C GLU A 76 -20.57 4.08 14.33
N ASN A 77 -20.18 2.80 14.34
CA ASN A 77 -19.57 2.17 15.55
C ASN A 77 -18.14 1.69 15.29
N LEU A 78 -17.77 1.34 14.06
CA LEU A 78 -16.55 0.53 13.82
C LEU A 78 -15.70 1.13 12.70
N ASP A 79 -15.76 2.44 12.49
CA ASP A 79 -14.99 3.08 11.40
C ASP A 79 -13.50 3.15 11.76
N HIS A 80 -13.14 3.22 13.06
CA HIS A 80 -11.75 3.15 13.56
C HIS A 80 -11.10 1.84 13.04
N LEU A 81 -11.81 0.72 13.10
CA LEU A 81 -11.25 -0.59 12.69
C LEU A 81 -11.12 -0.66 11.17
N ARG A 82 -12.05 -0.03 10.44
CA ARG A 82 -11.97 0.08 8.97
C ARG A 82 -10.66 0.80 8.60
N LYS A 83 -10.37 1.90 9.27
CA LYS A 83 -9.09 2.63 9.07
C LYS A 83 -7.92 1.74 9.44
N ALA A 84 -8.02 1.04 10.56
CA ALA A 84 -6.91 0.20 11.08
C ALA A 84 -6.54 -0.86 10.04
N LEU A 85 -7.49 -1.32 9.23
CA LEU A 85 -7.25 -2.39 8.24
C LEU A 85 -7.02 -1.86 6.82
N MET A 86 -7.65 -0.75 6.43
CA MET A 86 -7.61 -0.23 5.03
C MET A 86 -6.45 0.74 4.88
N TRP A 87 -6.21 1.57 5.89
CA TRP A 87 -5.14 2.59 5.88
C TRP A 87 -3.76 2.02 6.23
N GLU A 88 -2.72 2.69 5.74
CA GLU A 88 -1.36 2.50 6.26
C GLU A 88 -1.41 2.55 7.78
N PRO A 89 -0.52 1.84 8.50
CA PRO A 89 0.48 0.95 7.90
C PRO A 89 0.05 -0.47 7.53
N ARG A 90 -1.12 -0.92 8.00
CA ARG A 90 -1.56 -2.31 7.74
C ARG A 90 -2.09 -2.41 6.30
N GLY A 91 -2.67 -1.34 5.78
CA GLY A 91 -3.15 -1.25 4.39
C GLY A 91 -2.40 -0.19 3.59
N HIS A 92 -3.11 0.51 2.71
CA HIS A 92 -2.58 1.59 1.85
C HIS A 92 -3.75 2.31 1.15
N ALA A 93 -3.47 3.39 0.44
CA ALA A 93 -4.49 4.29 -0.15
C ALA A 93 -5.44 3.51 -1.07
N ASP A 94 -4.98 2.38 -1.63
CA ASP A 94 -5.73 1.61 -2.66
C ASP A 94 -6.17 0.23 -2.13
N MET A 95 -6.18 0.00 -0.82
CA MET A 95 -6.64 -1.25 -0.16
C MET A 95 -8.17 -1.28 -0.11
N TYR A 96 -8.75 -2.47 -0.20
CA TYR A 96 -10.21 -2.70 -0.28
C TYR A 96 -10.53 -3.91 0.60
N GLY A 97 -11.66 -3.91 1.31
CA GLY A 97 -11.96 -4.95 2.31
C GLY A 97 -13.37 -5.48 2.20
N ALA A 98 -13.66 -6.57 2.89
CA ALA A 98 -15.02 -7.14 2.99
C ALA A 98 -15.26 -7.67 4.40
N ILE A 99 -16.43 -7.27 4.94
CA ILE A 99 -17.06 -7.87 6.15
C ILE A 99 -18.15 -8.84 5.67
N ILE A 100 -18.03 -10.11 6.03
CA ILE A 100 -19.00 -11.19 5.78
C ILE A 100 -19.98 -11.23 6.94
N THR A 101 -21.28 -11.23 6.64
CA THR A 101 -22.37 -11.30 7.65
C THR A 101 -23.27 -12.49 7.33
N GLU A 102 -24.16 -12.82 8.26
CA GLU A 102 -25.28 -13.76 8.00
C GLU A 102 -26.07 -13.18 6.84
N PRO A 103 -26.68 -14.02 5.98
CA PRO A 103 -27.61 -13.54 4.96
C PRO A 103 -28.81 -12.85 5.65
N VAL A 104 -29.45 -11.90 4.96
CA VAL A 104 -30.71 -11.25 5.44
C VAL A 104 -31.88 -11.65 4.52
N SER A 105 -31.62 -12.14 3.31
CA SER A 105 -32.67 -12.65 2.38
C SER A 105 -32.80 -14.18 2.53
N GLU A 106 -33.94 -14.68 2.07
CA GLU A 106 -34.39 -16.08 2.25
C GLU A 106 -33.38 -16.99 1.55
N GLU A 107 -32.88 -16.62 0.37
CA GLU A 107 -32.08 -17.54 -0.47
C GLU A 107 -30.56 -17.30 -0.42
N ALA A 108 -30.07 -16.23 0.19
CA ALA A 108 -28.63 -15.87 0.11
C ALA A 108 -27.82 -16.75 1.07
N ASP A 109 -26.59 -17.10 0.70
CA ASP A 109 -25.62 -17.87 1.50
C ASP A 109 -24.99 -16.94 2.55
N PHE A 110 -24.64 -15.72 2.19
CA PHE A 110 -24.08 -14.73 3.14
C PHE A 110 -24.43 -13.32 2.69
N GLY A 111 -24.18 -12.39 3.60
CA GLY A 111 -24.29 -10.95 3.36
C GLY A 111 -22.92 -10.33 3.41
N VAL A 112 -22.76 -9.12 2.88
CA VAL A 112 -21.41 -8.51 2.78
C VAL A 112 -21.56 -7.00 2.84
N ILE A 113 -20.65 -6.35 3.55
CA ILE A 113 -20.39 -4.90 3.44
C ILE A 113 -18.92 -4.70 3.06
N PHE A 114 -18.70 -3.91 2.02
CA PHE A 114 -17.33 -3.67 1.51
C PHE A 114 -16.75 -2.48 2.26
N MET A 115 -15.46 -2.26 2.10
CA MET A 115 -14.83 -1.07 2.70
C MET A 115 -13.61 -0.66 1.88
N HIS A 116 -13.30 0.65 1.94
CA HIS A 116 -12.21 1.26 1.14
C HIS A 116 -11.57 2.39 1.93
N ASN A 117 -10.84 3.28 1.23
CA ASN A 117 -9.99 4.29 1.92
C ASN A 117 -10.90 5.36 2.54
N GLU A 118 -12.20 5.39 2.22
CA GLU A 118 -13.09 6.49 2.66
C GLU A 118 -14.18 5.97 3.60
N GLY A 119 -14.54 4.70 3.54
CA GLY A 119 -15.66 4.21 4.36
C GLY A 119 -16.11 2.80 4.01
N TYR A 120 -17.22 2.40 4.63
CA TYR A 120 -17.94 1.14 4.35
C TYR A 120 -18.76 1.36 3.08
N SER A 121 -18.65 0.45 2.11
CA SER A 121 -19.00 0.65 0.68
C SER A 121 -20.19 -0.23 0.28
N THR A 122 -20.85 0.18 -0.79
CA THR A 122 -21.86 -0.60 -1.52
C THR A 122 -21.15 -1.64 -2.39
N MET A 123 -21.93 -2.29 -3.24
CA MET A 123 -21.54 -3.43 -4.09
C MET A 123 -20.21 -3.17 -4.83
N CYS A 124 -19.44 -4.23 -5.06
CA CYS A 124 -18.13 -4.17 -5.76
C CYS A 124 -17.89 -5.50 -6.47
N GLY A 125 -17.60 -5.44 -7.77
CA GLY A 125 -17.48 -6.62 -8.64
C GLY A 125 -16.18 -7.37 -8.44
N HIS A 126 -15.05 -6.67 -8.31
CA HIS A 126 -13.75 -7.36 -8.16
C HIS A 126 -13.82 -8.19 -6.88
N ALA A 127 -14.47 -7.65 -5.86
CA ALA A 127 -14.57 -8.32 -4.54
C ALA A 127 -15.48 -9.55 -4.64
N THR A 128 -16.55 -9.44 -5.40
CA THR A 128 -17.51 -10.56 -5.61
C THR A 128 -16.76 -11.73 -6.26
N ILE A 129 -15.95 -11.43 -7.27
CA ILE A 129 -15.15 -12.46 -7.98
C ILE A 129 -14.24 -13.15 -6.95
N ALA A 130 -13.55 -12.39 -6.10
CA ALA A 130 -12.62 -12.96 -5.10
C ALA A 130 -13.39 -13.88 -4.15
N LEU A 131 -14.53 -13.42 -3.66
CA LEU A 131 -15.33 -14.18 -2.66
C LEU A 131 -15.79 -15.49 -3.30
N GLY A 132 -16.23 -15.47 -4.55
CA GLY A 132 -16.60 -16.68 -5.28
C GLY A 132 -15.43 -17.66 -5.40
N LYS A 133 -14.26 -17.14 -5.76
CA LYS A 133 -13.05 -17.98 -5.94
C LYS A 133 -12.73 -18.67 -4.61
N VAL A 134 -12.66 -17.92 -3.50
CA VAL A 134 -12.23 -18.49 -2.19
C VAL A 134 -13.30 -19.45 -1.66
N ALA A 135 -14.58 -19.16 -1.86
CA ALA A 135 -15.69 -20.04 -1.40
C ALA A 135 -15.47 -21.47 -1.95
N VAL A 136 -15.10 -21.60 -3.20
CA VAL A 136 -14.91 -22.92 -3.85
C VAL A 136 -13.50 -23.43 -3.55
N GLU A 137 -12.48 -22.59 -3.79
CA GLU A 137 -11.06 -23.01 -3.64
C GLU A 137 -10.85 -23.49 -2.20
N CYS A 138 -11.43 -22.83 -1.21
CA CYS A 138 -11.15 -23.11 0.21
C CYS A 138 -12.24 -23.98 0.83
N GLY A 139 -13.18 -24.49 0.02
CA GLY A 139 -14.14 -25.52 0.44
C GLY A 139 -15.22 -25.00 1.39
N LEU A 140 -15.64 -23.75 1.29
CA LEU A 140 -16.78 -23.25 2.10
C LEU A 140 -18.11 -23.71 1.48
N VAL A 141 -18.11 -24.02 0.18
CA VAL A 141 -19.30 -24.55 -0.54
C VAL A 141 -18.82 -25.76 -1.35
N GLU A 142 -19.72 -26.69 -1.68
CA GLU A 142 -19.36 -27.87 -2.50
C GLU A 142 -19.02 -27.38 -3.91
N ALA A 143 -17.94 -27.91 -4.47
CA ALA A 143 -17.45 -27.57 -5.83
C ALA A 143 -18.26 -28.38 -6.86
N LYS A 144 -19.42 -27.85 -7.28
CA LYS A 144 -20.31 -28.48 -8.30
C LYS A 144 -19.82 -28.11 -9.70
N GLU A 145 -19.84 -29.07 -10.62
CA GLU A 145 -19.39 -28.89 -12.02
C GLU A 145 -20.60 -29.10 -12.92
N PRO A 146 -20.77 -28.34 -14.03
CA PRO A 146 -19.80 -27.34 -14.45
C PRO A 146 -19.93 -26.00 -13.72
N ILE A 147 -21.06 -25.74 -13.06
CA ILE A 147 -21.34 -24.42 -12.41
C ILE A 147 -21.74 -24.63 -10.96
N THR A 148 -21.10 -23.89 -10.04
CA THR A 148 -21.52 -23.71 -8.64
C THR A 148 -22.18 -22.34 -8.50
N GLU A 149 -23.39 -22.28 -7.94
CA GLU A 149 -24.04 -20.98 -7.67
C GLU A 149 -23.87 -20.61 -6.21
N ILE A 150 -23.52 -19.36 -5.93
CA ILE A 150 -23.54 -18.76 -4.56
C ILE A 150 -24.35 -17.49 -4.64
N LYS A 151 -25.23 -17.25 -3.67
CA LYS A 151 -26.03 -16.01 -3.59
C LYS A 151 -25.54 -15.15 -2.43
N MET A 152 -25.43 -13.86 -2.68
CA MET A 152 -24.79 -12.89 -1.75
C MET A 152 -25.69 -11.68 -1.63
N ASP A 153 -26.10 -11.34 -0.40
CA ASP A 153 -26.81 -10.08 -0.11
C ASP A 153 -25.75 -8.97 -0.04
N SER A 154 -25.72 -8.12 -1.06
CA SER A 154 -24.83 -6.94 -1.12
C SER A 154 -25.65 -5.73 -0.67
N PRO A 155 -25.00 -4.59 -0.35
CA PRO A 155 -25.73 -3.36 -0.04
C PRO A 155 -26.64 -2.88 -1.18
N ALA A 156 -26.36 -3.30 -2.41
CA ALA A 156 -27.13 -2.91 -3.62
C ALA A 156 -28.27 -3.89 -3.86
N GLY A 157 -28.27 -5.04 -3.18
CA GLY A 157 -29.25 -6.10 -3.45
C GLY A 157 -28.59 -7.44 -3.71
N LEU A 158 -29.39 -8.37 -4.21
CA LEU A 158 -29.03 -9.79 -4.34
C LEU A 158 -28.08 -9.96 -5.53
N ILE A 159 -26.99 -10.67 -5.33
CA ILE A 159 -25.96 -10.94 -6.37
C ILE A 159 -25.92 -12.44 -6.55
N LYS A 160 -25.88 -12.89 -7.79
CA LYS A 160 -25.77 -14.33 -8.11
C LYS A 160 -24.37 -14.60 -8.65
N ILE A 161 -23.63 -15.44 -7.95
CA ILE A 161 -22.24 -15.80 -8.30
C ILE A 161 -22.29 -17.16 -8.98
N TYR A 162 -21.72 -17.26 -10.17
CA TYR A 162 -21.61 -18.52 -10.94
C TYR A 162 -20.12 -18.82 -11.08
N VAL A 163 -19.64 -19.83 -10.35
CA VAL A 163 -18.24 -20.31 -10.44
C VAL A 163 -18.19 -21.47 -11.43
N LYS A 164 -17.44 -21.30 -12.53
CA LYS A 164 -17.10 -22.38 -13.50
C LYS A 164 -16.06 -23.30 -12.85
N VAL A 165 -16.40 -24.57 -12.63
CA VAL A 165 -15.50 -25.57 -11.99
C VAL A 165 -15.25 -26.73 -12.96
N ARG A 166 -13.99 -27.12 -13.13
CA ARG A 166 -13.57 -28.33 -13.88
C ARG A 166 -12.51 -29.10 -13.07
N ASP A 167 -12.74 -30.40 -12.84
CA ASP A 167 -11.83 -31.34 -12.12
C ASP A 167 -11.57 -30.77 -10.74
N GLY A 168 -12.61 -30.26 -10.09
CA GLY A 168 -12.56 -29.69 -8.74
C GLY A 168 -11.80 -28.38 -8.64
N LYS A 169 -11.40 -27.76 -9.77
CA LYS A 169 -10.64 -26.47 -9.78
C LYS A 169 -11.50 -25.35 -10.39
N VAL A 170 -11.40 -24.15 -9.82
CA VAL A 170 -12.07 -22.95 -10.38
C VAL A 170 -11.38 -22.56 -11.70
N GLU A 171 -12.12 -22.51 -12.80
CA GLU A 171 -11.59 -21.99 -14.10
C GLU A 171 -11.86 -20.49 -14.21
N LYS A 172 -13.00 -20.02 -13.71
CA LYS A 172 -13.43 -18.61 -13.84
C LYS A 172 -14.56 -18.33 -12.86
N VAL A 173 -14.69 -17.09 -12.43
CA VAL A 173 -15.81 -16.64 -11.56
C VAL A 173 -16.63 -15.60 -12.31
N TYR A 174 -17.92 -15.83 -12.45
CA TYR A 174 -18.87 -14.84 -13.01
C TYR A 174 -19.81 -14.40 -11.91
N PHE A 175 -20.40 -13.23 -12.10
CA PHE A 175 -21.60 -12.84 -11.31
C PHE A 175 -22.59 -12.18 -12.25
N HIS A 176 -23.86 -12.29 -11.89
CA HIS A 176 -24.98 -11.52 -12.47
C HIS A 176 -25.36 -10.48 -11.43
N ASN A 177 -25.27 -9.22 -11.83
CA ASN A 177 -25.40 -8.03 -10.94
C ASN A 177 -26.88 -7.69 -10.77
N VAL A 178 -27.15 -6.79 -9.84
CA VAL A 178 -28.45 -6.09 -9.72
C VAL A 178 -28.73 -5.38 -11.05
N PRO A 179 -30.01 -5.06 -11.34
CA PRO A 179 -30.36 -4.30 -12.54
C PRO A 179 -29.47 -3.05 -12.71
N SER A 180 -28.90 -2.91 -13.90
CA SER A 180 -27.95 -1.83 -14.29
C SER A 180 -28.61 -1.00 -15.40
N PHE A 181 -28.52 0.32 -15.31
CA PHE A 181 -29.30 1.26 -16.18
C PHE A 181 -28.51 2.57 -16.38
N VAL A 182 -28.89 3.29 -17.44
CA VAL A 182 -28.36 4.65 -17.71
C VAL A 182 -29.23 5.68 -16.97
N LEU A 183 -28.60 6.55 -16.18
CA LEU A 183 -29.28 7.66 -15.47
C LEU A 183 -29.33 8.91 -16.36
N PHE A 184 -28.20 9.28 -16.96
CA PHE A 184 -28.01 10.47 -17.82
C PHE A 184 -27.13 10.05 -18.99
N LYS A 185 -27.34 10.66 -20.14
CA LYS A 185 -26.62 10.33 -21.38
C LYS A 185 -26.12 11.65 -21.98
N ASP A 186 -24.87 11.71 -22.43
CA ASP A 186 -24.37 12.84 -23.25
C ASP A 186 -24.60 14.19 -22.54
N GLU A 187 -24.28 14.26 -21.26
CA GLU A 187 -24.26 15.51 -20.46
C GLU A 187 -22.89 16.15 -20.66
N THR A 188 -22.84 17.44 -20.40
CA THR A 188 -21.62 18.27 -20.37
C THR A 188 -21.57 18.96 -19.02
N ILE A 189 -20.40 19.06 -18.42
CA ILE A 189 -20.25 19.84 -17.16
C ILE A 189 -18.95 20.66 -17.25
N ASN A 190 -19.03 21.87 -16.72
CA ASN A 190 -17.87 22.78 -16.63
C ASN A 190 -17.11 22.37 -15.37
N VAL A 191 -15.89 21.88 -15.52
CA VAL A 191 -15.06 21.47 -14.38
C VAL A 191 -14.05 22.59 -14.12
N PRO A 192 -14.13 23.30 -12.98
CA PRO A 192 -13.16 24.35 -12.64
C PRO A 192 -11.71 23.87 -12.78
N GLY A 193 -10.90 24.61 -13.54
CA GLY A 193 -9.46 24.36 -13.73
C GLY A 193 -9.20 23.25 -14.73
N ILE A 194 -10.25 22.75 -15.39
CA ILE A 194 -10.17 21.64 -16.39
C ILE A 194 -10.89 22.06 -17.69
N GLY A 195 -12.12 22.55 -17.59
CA GLY A 195 -12.92 22.94 -18.78
C GLY A 195 -14.13 22.05 -18.98
N GLU A 196 -14.64 21.97 -20.22
CA GLU A 196 -15.90 21.25 -20.54
C GLU A 196 -15.64 19.75 -20.63
N VAL A 197 -16.36 18.96 -19.83
CA VAL A 197 -16.22 17.49 -19.84
C VAL A 197 -17.57 16.87 -20.22
N LYS A 198 -17.58 16.03 -21.24
CA LYS A 198 -18.76 15.23 -21.66
C LYS A 198 -18.75 13.90 -20.90
N TYR A 199 -19.90 13.48 -20.38
CA TYR A 199 -20.04 12.24 -19.58
C TYR A 199 -21.40 11.57 -19.78
N ASP A 200 -21.43 10.25 -19.61
CA ASP A 200 -22.65 9.46 -19.34
C ASP A 200 -22.62 9.08 -17.87
N LEU A 201 -23.79 9.01 -17.24
CA LEU A 201 -23.89 8.57 -15.84
C LEU A 201 -24.76 7.33 -15.79
N ALA A 202 -24.20 6.22 -15.32
CA ALA A 202 -24.87 4.91 -15.34
C ALA A 202 -24.66 4.21 -14.00
N TYR A 203 -25.62 3.32 -13.67
CA TYR A 203 -25.64 2.51 -12.43
C TYR A 203 -25.34 1.04 -12.76
N GLY A 204 -24.36 0.45 -12.08
CA GLY A 204 -23.99 -0.96 -12.20
C GLY A 204 -23.83 -1.59 -10.82
N GLY A 205 -24.71 -1.24 -9.90
CA GLY A 205 -24.60 -1.54 -8.46
C GLY A 205 -23.82 -0.46 -7.73
N ALA A 206 -23.31 0.52 -8.49
CA ALA A 206 -22.82 1.83 -8.01
C ALA A 206 -22.97 2.81 -9.18
N PHE A 207 -23.00 4.12 -8.89
CA PHE A 207 -23.13 5.18 -9.91
C PHE A 207 -21.75 5.64 -10.36
N TYR A 208 -21.56 5.71 -11.69
CA TYR A 208 -20.30 6.22 -12.29
C TYR A 208 -20.57 7.25 -13.37
N ALA A 209 -19.71 8.28 -13.45
CA ALA A 209 -19.59 9.18 -14.62
C ALA A 209 -18.52 8.59 -15.53
N PHE A 210 -18.90 8.21 -16.75
CA PHE A 210 -17.95 7.73 -17.78
C PHE A 210 -17.51 8.91 -18.64
N VAL A 211 -16.19 9.07 -18.81
CA VAL A 211 -15.60 10.16 -19.65
C VAL A 211 -14.58 9.51 -20.58
N ASN A 212 -14.28 10.14 -21.71
CA ASN A 212 -13.28 9.61 -22.68
C ASN A 212 -11.92 10.21 -22.32
N ALA A 213 -10.94 9.36 -22.03
CA ALA A 213 -9.60 9.78 -21.55
C ALA A 213 -8.93 10.59 -22.66
N GLU A 214 -8.88 10.04 -23.88
CA GLU A 214 -8.11 10.62 -25.01
C GLU A 214 -8.71 11.99 -25.36
N GLU A 215 -10.02 12.13 -25.25
CA GLU A 215 -10.69 13.43 -25.53
C GLU A 215 -10.28 14.44 -24.47
N ILE A 216 -9.97 14.02 -23.25
CA ILE A 216 -9.55 14.91 -22.13
C ILE A 216 -8.04 15.14 -22.23
N GLY A 217 -7.32 14.43 -23.11
CA GLY A 217 -5.85 14.51 -23.25
C GLY A 217 -5.11 13.62 -22.28
N LEU A 218 -5.73 12.53 -21.79
CA LEU A 218 -5.07 11.55 -20.89
C LEU A 218 -4.98 10.21 -21.65
N LYS A 219 -4.19 9.28 -21.14
CA LYS A 219 -4.24 7.86 -21.52
C LYS A 219 -4.54 7.08 -20.23
N CYS A 220 -5.21 5.95 -20.36
CA CYS A 220 -5.48 4.97 -19.29
C CYS A 220 -4.25 4.07 -19.11
N THR A 221 -3.12 4.68 -18.70
CA THR A 221 -1.82 4.01 -18.56
C THR A 221 -1.15 4.46 -17.27
N PRO A 222 -0.22 3.65 -16.73
CA PRO A 222 0.49 4.00 -15.50
C PRO A 222 1.14 5.39 -15.53
N GLU A 223 1.61 5.87 -16.67
CA GLU A 223 2.34 7.16 -16.68
C GLU A 223 1.36 8.32 -16.40
N TYR A 224 0.05 8.11 -16.48
CA TYR A 224 -0.97 9.14 -16.21
C TYR A 224 -1.64 8.94 -14.84
N TYR A 225 -1.11 8.05 -14.01
CA TYR A 225 -1.73 7.66 -12.71
C TYR A 225 -2.17 8.92 -11.94
N ARG A 226 -1.25 9.84 -11.71
CA ARG A 226 -1.48 11.02 -10.85
C ARG A 226 -2.55 11.91 -11.48
N GLN A 227 -2.48 12.12 -12.79
CA GLN A 227 -3.39 13.02 -13.54
C GLN A 227 -4.79 12.41 -13.54
N LEU A 228 -4.89 11.08 -13.64
CA LEU A 228 -6.20 10.36 -13.63
C LEU A 228 -6.87 10.60 -12.28
N ILE A 229 -6.11 10.55 -11.17
CA ILE A 229 -6.65 10.79 -9.80
C ILE A 229 -7.16 12.23 -9.74
N ASP A 230 -6.31 13.18 -10.11
CA ASP A 230 -6.56 14.64 -10.00
C ASP A 230 -7.82 14.99 -10.82
N VAL A 231 -7.79 14.67 -12.11
CA VAL A 231 -8.89 15.02 -13.04
C VAL A 231 -10.14 14.22 -12.66
N GLY A 232 -10.01 12.95 -12.31
CA GLY A 232 -11.17 12.09 -11.97
C GLY A 232 -11.89 12.61 -10.74
N MET A 233 -11.15 13.11 -9.74
CA MET A 233 -11.71 13.58 -8.47
C MET A 233 -12.36 14.95 -8.69
N LYS A 234 -11.82 15.77 -9.58
CA LYS A 234 -12.44 17.08 -9.92
C LYS A 234 -13.73 16.84 -10.70
N ILE A 235 -13.72 15.92 -11.64
CA ILE A 235 -14.96 15.55 -12.40
C ILE A 235 -16.01 15.08 -11.39
N LYS A 236 -15.63 14.14 -10.52
CA LYS A 236 -16.50 13.54 -9.48
C LYS A 236 -17.12 14.64 -8.61
N ARG A 237 -16.30 15.54 -8.06
CA ARG A 237 -16.79 16.58 -7.12
C ARG A 237 -17.70 17.56 -7.87
N ALA A 238 -17.35 17.90 -9.11
CA ALA A 238 -18.15 18.83 -9.94
C ALA A 238 -19.55 18.21 -10.18
N ILE A 239 -19.62 16.95 -10.61
CA ILE A 239 -20.92 16.27 -10.89
C ILE A 239 -21.71 16.14 -9.58
N MET A 240 -21.05 15.82 -8.46
CA MET A 240 -21.74 15.64 -7.16
C MET A 240 -22.36 16.98 -6.73
N SER A 241 -21.72 18.11 -7.01
CA SER A 241 -22.23 19.41 -6.54
C SER A 241 -23.32 19.92 -7.49
N GLU A 242 -23.41 19.42 -8.71
CA GLU A 242 -24.36 19.96 -9.72
C GLU A 242 -25.56 19.04 -9.97
N LYS A 243 -25.43 17.72 -9.88
CA LYS A 243 -26.48 16.75 -10.31
C LYS A 243 -27.00 15.96 -9.11
N GLU A 244 -28.31 15.76 -9.06
CA GLU A 244 -28.92 14.78 -8.15
C GLU A 244 -28.70 13.40 -8.78
N ILE A 245 -28.11 12.49 -8.02
CA ILE A 245 -27.83 11.07 -8.39
C ILE A 245 -28.75 10.18 -7.54
N ARG A 246 -29.95 9.88 -8.03
CA ARG A 246 -31.02 9.26 -7.22
C ARG A 246 -31.10 7.77 -7.58
N HIS A 247 -30.86 6.89 -6.61
CA HIS A 247 -31.26 5.47 -6.68
C HIS A 247 -32.78 5.41 -6.52
N PRO A 248 -33.51 4.69 -7.39
CA PRO A 248 -34.97 4.67 -7.32
C PRO A 248 -35.57 4.28 -5.95
N PHE A 249 -34.89 3.48 -5.13
CA PHE A 249 -35.50 2.90 -3.91
C PHE A 249 -34.75 3.24 -2.61
N GLU A 250 -33.47 3.61 -2.64
CA GLU A 250 -32.65 3.72 -1.40
C GLU A 250 -31.87 5.04 -1.40
N GLU A 251 -32.19 5.96 -0.48
CA GLU A 251 -31.41 7.18 -0.21
C GLU A 251 -29.92 6.85 0.00
N ASP A 252 -29.60 5.77 0.71
CA ASP A 252 -28.20 5.45 1.07
C ASP A 252 -27.37 5.13 -0.19
N LEU A 253 -28.01 4.74 -1.29
CA LEU A 253 -27.31 4.38 -2.55
C LEU A 253 -27.29 5.56 -3.52
N SER A 254 -27.91 6.68 -3.13
CA SER A 254 -28.12 7.88 -3.99
C SER A 254 -26.88 8.79 -3.98
N PHE A 255 -25.76 8.35 -4.56
CA PHE A 255 -24.53 9.16 -4.62
C PHE A 255 -23.64 8.63 -5.74
N LEU A 256 -22.78 9.51 -6.25
CA LEU A 256 -21.76 9.16 -7.26
C LEU A 256 -20.60 8.45 -6.56
N TYR A 257 -20.36 7.19 -6.92
CA TYR A 257 -19.23 6.37 -6.42
C TYR A 257 -17.92 6.85 -7.05
N GLY A 258 -17.91 7.19 -8.32
CA GLY A 258 -16.63 7.50 -8.98
C GLY A 258 -16.73 7.98 -10.41
N THR A 259 -15.57 8.27 -10.97
CA THR A 259 -15.35 8.62 -12.39
C THR A 259 -14.65 7.43 -13.03
N ILE A 260 -15.11 6.99 -14.20
CA ILE A 260 -14.41 5.96 -14.99
C ILE A 260 -13.97 6.59 -16.30
N PHE A 261 -12.66 6.61 -16.50
CA PHE A 261 -12.03 6.98 -17.79
C PHE A 261 -12.10 5.80 -18.73
N ILE A 262 -12.68 6.02 -19.90
CA ILE A 262 -12.65 5.06 -21.04
C ILE A 262 -11.44 5.36 -21.91
N GLY A 263 -10.61 4.34 -22.16
CA GLY A 263 -9.44 4.44 -23.03
C GLY A 263 -9.46 3.40 -24.13
N GLU A 264 -8.63 3.61 -25.14
CA GLU A 264 -8.50 2.69 -26.28
C GLU A 264 -7.92 1.39 -25.75
N PRO A 265 -8.34 0.25 -26.31
CA PRO A 265 -7.79 -1.05 -25.91
C PRO A 265 -6.33 -1.21 -26.36
N GLU A 266 -5.47 -1.74 -25.50
CA GLU A 266 -4.08 -2.11 -25.84
C GLU A 266 -4.10 -3.36 -26.69
N ASP A 267 -4.93 -4.36 -26.35
CA ASP A 267 -4.86 -5.72 -26.93
C ASP A 267 -5.95 -5.91 -27.97
N GLU A 268 -5.65 -6.72 -28.97
CA GLU A 268 -6.47 -6.82 -30.21
C GLU A 268 -7.90 -7.22 -29.86
N ASN A 269 -8.12 -8.18 -28.94
CA ASN A 269 -9.49 -8.69 -28.65
C ASN A 269 -10.20 -7.89 -27.56
N SER A 270 -9.58 -6.84 -27.02
CA SER A 270 -10.20 -6.01 -25.97
C SER A 270 -11.12 -5.00 -26.63
N HIS A 271 -12.26 -4.73 -26.01
CA HIS A 271 -13.21 -3.66 -26.42
C HIS A 271 -12.59 -2.29 -26.10
N SER A 272 -12.14 -2.10 -24.86
CA SER A 272 -11.76 -0.77 -24.32
C SER A 272 -11.08 -0.97 -22.97
N ARG A 273 -10.66 0.13 -22.36
CA ARG A 273 -9.94 0.12 -21.07
C ARG A 273 -10.67 1.06 -20.10
N HIS A 274 -10.72 0.67 -18.82
CA HIS A 274 -11.33 1.47 -17.73
C HIS A 274 -10.25 1.89 -16.74
N VAL A 275 -10.35 3.11 -16.23
CA VAL A 275 -9.65 3.52 -14.98
C VAL A 275 -10.68 4.22 -14.09
N CYS A 276 -11.02 3.55 -12.99
CA CYS A 276 -12.04 4.01 -12.03
C CYS A 276 -11.35 4.76 -10.88
N ILE A 277 -11.75 6.01 -10.70
CA ILE A 277 -11.35 6.88 -9.55
C ILE A 277 -12.55 6.91 -8.61
N PHE A 278 -12.39 6.43 -7.39
CA PHE A 278 -13.51 6.24 -6.46
C PHE A 278 -13.02 6.60 -5.06
N ALA A 279 -13.98 6.68 -4.12
CA ALA A 279 -13.71 6.98 -2.71
C ALA A 279 -12.86 8.26 -2.66
N ASP A 280 -11.81 8.27 -1.84
CA ASP A 280 -10.94 9.47 -1.67
C ASP A 280 -9.70 9.32 -2.57
N GLY A 281 -9.89 9.53 -3.88
CA GLY A 281 -8.85 9.43 -4.92
C GLY A 281 -8.28 8.03 -5.04
N GLU A 282 -9.05 7.02 -4.65
CA GLU A 282 -8.66 5.61 -4.77
C GLU A 282 -8.71 5.22 -6.26
N VAL A 283 -7.81 4.34 -6.69
CA VAL A 283 -7.77 3.89 -8.10
C VAL A 283 -7.93 2.37 -8.14
N ASP A 284 -8.88 1.91 -8.95
CA ASP A 284 -9.12 0.46 -9.15
C ASP A 284 -8.07 -0.03 -10.14
N ARG A 285 -7.32 -1.05 -9.75
CA ARG A 285 -6.35 -1.75 -10.61
C ARG A 285 -7.06 -2.76 -11.50
N SER A 286 -8.31 -3.12 -11.18
CA SER A 286 -9.16 -3.98 -12.03
C SER A 286 -9.90 -3.10 -13.01
N PRO A 287 -10.59 -3.69 -14.02
CA PRO A 287 -11.52 -2.94 -14.86
C PRO A 287 -12.77 -2.42 -14.14
N THR A 288 -12.98 -2.81 -12.87
CA THR A 288 -14.13 -2.43 -12.03
C THR A 288 -15.37 -3.23 -12.48
N GLY A 289 -15.87 -4.14 -11.67
CA GLY A 289 -17.02 -5.00 -12.03
C GLY A 289 -18.33 -4.23 -12.08
N THR A 290 -18.59 -3.37 -11.10
CA THR A 290 -19.73 -2.42 -11.14
C THR A 290 -19.59 -1.46 -12.32
N GLY A 291 -18.34 -1.16 -12.70
CA GLY A 291 -18.02 -0.29 -13.84
C GLY A 291 -18.38 -0.95 -15.15
N VAL A 292 -17.96 -2.20 -15.33
CA VAL A 292 -18.30 -2.99 -16.54
C VAL A 292 -19.83 -3.16 -16.59
N SER A 293 -20.46 -3.39 -15.44
CA SER A 293 -21.94 -3.52 -15.31
C SER A 293 -22.61 -2.25 -15.84
N ALA A 294 -22.18 -1.07 -15.40
CA ALA A 294 -22.77 0.22 -15.81
C ALA A 294 -22.45 0.49 -17.30
N ARG A 295 -21.26 0.09 -17.74
CA ARG A 295 -20.81 0.28 -19.15
C ARG A 295 -21.71 -0.53 -20.09
N LEU A 296 -21.95 -1.80 -19.76
CA LEU A 296 -22.85 -2.67 -20.56
C LEU A 296 -24.21 -2.01 -20.73
N ALA A 297 -24.73 -1.38 -19.68
CA ALA A 297 -26.03 -0.66 -19.69
C ALA A 297 -25.98 0.47 -20.71
N ILE A 298 -24.89 1.24 -20.73
CA ILE A 298 -24.70 2.35 -21.70
C ILE A 298 -24.63 1.77 -23.11
N LEU A 299 -23.75 0.80 -23.36
CA LEU A 299 -23.53 0.29 -24.73
C LEU A 299 -24.85 -0.33 -25.22
N TYR A 300 -25.59 -1.00 -24.35
CA TYR A 300 -26.86 -1.67 -24.72
C TYR A 300 -27.90 -0.61 -25.11
N GLU A 301 -28.08 0.40 -24.27
CA GLU A 301 -29.03 1.50 -24.55
C GLU A 301 -28.67 2.22 -25.86
N LYS A 302 -27.38 2.31 -26.21
CA LYS A 302 -26.91 3.00 -27.45
C LYS A 302 -26.97 2.05 -28.66
N GLY A 303 -27.38 0.80 -28.46
CA GLY A 303 -27.46 -0.18 -29.57
C GLY A 303 -26.10 -0.61 -30.06
N GLU A 304 -25.06 -0.53 -29.23
CA GLU A 304 -23.68 -0.90 -29.65
C GLU A 304 -23.34 -2.34 -29.26
N ILE A 305 -24.09 -2.98 -28.38
CA ILE A 305 -23.95 -4.45 -28.12
C ILE A 305 -25.33 -5.05 -27.97
N ASP A 306 -25.39 -6.35 -28.18
CA ASP A 306 -26.64 -7.15 -28.15
C ASP A 306 -26.60 -8.13 -26.98
N ILE A 307 -27.76 -8.71 -26.68
CA ILE A 307 -27.86 -9.78 -25.64
C ILE A 307 -26.93 -10.93 -26.07
N GLY A 308 -26.10 -11.42 -25.14
CA GLY A 308 -25.26 -12.60 -25.34
C GLY A 308 -23.93 -12.27 -26.00
N GLU A 309 -23.66 -11.00 -26.28
CA GLU A 309 -22.40 -10.58 -26.95
C GLU A 309 -21.36 -10.27 -25.86
N GLU A 310 -20.36 -11.14 -25.71
CA GLU A 310 -19.29 -11.02 -24.69
C GLU A 310 -18.24 -10.00 -25.16
N ILE A 311 -17.82 -9.09 -24.30
CA ILE A 311 -16.70 -8.13 -24.58
C ILE A 311 -15.68 -8.27 -23.46
N THR A 312 -14.46 -7.79 -23.71
CA THR A 312 -13.35 -7.79 -22.76
C THR A 312 -12.92 -6.35 -22.51
N ILE A 313 -12.81 -5.97 -21.24
CA ILE A 313 -12.40 -4.60 -20.85
C ILE A 313 -11.14 -4.70 -19.99
N GLU A 314 -10.17 -3.84 -20.28
CA GLU A 314 -8.86 -3.75 -19.60
C GLU A 314 -8.89 -2.72 -18.48
N SER A 315 -7.86 -2.78 -17.64
CA SER A 315 -7.53 -1.86 -16.54
C SER A 315 -6.27 -1.05 -16.89
N ILE A 316 -5.90 -0.13 -16.00
CA ILE A 316 -4.64 0.65 -16.13
C ILE A 316 -3.42 -0.27 -16.23
N ILE A 317 -3.48 -1.49 -15.67
CA ILE A 317 -2.31 -2.43 -15.71
C ILE A 317 -2.54 -3.54 -16.73
N GLY A 318 -3.55 -3.40 -17.57
CA GLY A 318 -3.83 -4.36 -18.67
C GLY A 318 -4.40 -5.68 -18.16
N THR A 319 -4.94 -5.71 -16.95
CA THR A 319 -5.72 -6.87 -16.46
C THR A 319 -7.14 -6.75 -17.04
N LYS A 320 -7.89 -7.84 -17.05
CA LYS A 320 -9.14 -7.87 -17.86
C LYS A 320 -10.29 -8.53 -17.10
N PHE A 321 -11.51 -8.07 -17.40
CA PHE A 321 -12.78 -8.75 -17.10
C PHE A 321 -13.50 -8.99 -18.42
N THR A 322 -14.37 -9.99 -18.48
CA THR A 322 -15.39 -10.11 -19.55
C THR A 322 -16.68 -9.44 -19.07
N GLY A 323 -17.50 -9.01 -20.03
CA GLY A 323 -18.84 -8.46 -19.74
C GLY A 323 -19.81 -8.97 -20.78
N LYS A 324 -21.07 -9.15 -20.40
CA LYS A 324 -22.12 -9.61 -21.33
C LYS A 324 -23.48 -9.20 -20.80
N VAL A 325 -24.35 -8.75 -21.69
CA VAL A 325 -25.76 -8.45 -21.35
C VAL A 325 -26.48 -9.80 -21.31
N VAL A 326 -27.05 -10.16 -20.16
CA VAL A 326 -27.78 -11.46 -19.96
C VAL A 326 -29.21 -11.30 -20.47
N GLU A 327 -29.88 -10.21 -20.10
CA GLU A 327 -31.30 -10.01 -20.40
C GLU A 327 -31.69 -8.55 -20.15
N GLU A 328 -32.88 -8.19 -20.63
CA GLU A 328 -33.49 -6.85 -20.43
C GLU A 328 -34.45 -6.90 -19.26
N THR A 329 -34.58 -5.79 -18.56
CA THR A 329 -35.51 -5.69 -17.42
C THR A 329 -35.87 -4.21 -17.25
N ARG A 330 -36.71 -3.94 -16.27
CA ARG A 330 -37.01 -2.55 -15.81
C ARG A 330 -36.58 -2.45 -14.35
N TYR A 331 -36.26 -1.24 -13.90
CA TYR A 331 -35.88 -0.95 -12.50
C TYR A 331 -36.37 0.45 -12.17
N GLY A 332 -37.36 0.56 -11.28
CA GLY A 332 -38.15 1.80 -11.14
C GLY A 332 -38.69 2.18 -12.50
N LEU A 333 -38.43 3.40 -12.94
CA LEU A 333 -38.94 3.89 -14.25
C LEU A 333 -37.94 3.61 -15.39
N TYR A 334 -36.79 2.98 -15.11
CA TYR A 334 -35.67 2.86 -16.10
C TYR A 334 -35.75 1.56 -16.88
N ARG A 335 -35.44 1.63 -18.18
CA ARG A 335 -34.97 0.45 -18.94
C ARG A 335 -33.64 -0.01 -18.33
N ALA A 336 -33.49 -1.31 -18.11
CA ALA A 336 -32.32 -1.86 -17.41
C ALA A 336 -31.87 -3.15 -18.09
N ILE A 337 -30.71 -3.63 -17.65
CA ILE A 337 -30.16 -4.96 -18.00
C ILE A 337 -29.76 -5.69 -16.72
N ILE A 338 -29.68 -7.01 -16.81
CA ILE A 338 -28.86 -7.84 -15.90
C ILE A 338 -27.55 -8.05 -16.64
N PRO A 339 -26.43 -7.50 -16.12
CA PRO A 339 -25.12 -7.76 -16.68
C PRO A 339 -24.43 -8.97 -16.01
N GLU A 340 -23.64 -9.66 -16.81
CA GLU A 340 -22.67 -10.67 -16.36
C GLU A 340 -21.26 -10.06 -16.42
N VAL A 341 -20.48 -10.21 -15.35
CA VAL A 341 -19.04 -9.88 -15.35
C VAL A 341 -18.26 -11.14 -15.01
N GLY A 342 -17.18 -11.41 -15.75
CA GLY A 342 -16.35 -12.60 -15.51
C GLY A 342 -14.91 -12.19 -15.22
N GLY A 343 -14.23 -12.95 -14.36
CA GLY A 343 -12.81 -12.75 -14.04
C GLY A 343 -12.30 -13.87 -13.17
N ASN A 344 -11.20 -13.63 -12.48
CA ASN A 344 -10.61 -14.63 -11.57
C ASN A 344 -9.83 -13.85 -10.50
N ALA A 345 -9.52 -14.53 -9.41
CA ALA A 345 -8.87 -13.95 -8.22
C ALA A 345 -7.86 -14.98 -7.71
N TYR A 346 -6.84 -14.51 -7.00
CA TYR A 346 -5.81 -15.39 -6.40
C TYR A 346 -5.59 -14.96 -4.96
N ILE A 347 -5.45 -15.96 -4.09
CA ILE A 347 -5.04 -15.79 -2.66
C ILE A 347 -3.58 -15.33 -2.64
N VAL A 348 -3.29 -14.28 -1.87
CA VAL A 348 -1.90 -13.74 -1.82
C VAL A 348 -1.38 -13.73 -0.39
N ALA A 349 -2.23 -13.90 0.62
CA ALA A 349 -1.76 -13.83 2.03
C ALA A 349 -2.84 -14.31 2.99
N LYS A 350 -2.40 -14.85 4.14
CA LYS A 350 -3.21 -15.05 5.36
C LYS A 350 -2.61 -14.14 6.42
N ASN A 351 -3.34 -13.14 6.88
CA ASN A 351 -2.78 -12.06 7.71
C ASN A 351 -3.38 -12.17 9.10
N THR A 352 -2.54 -12.00 10.12
CA THR A 352 -2.95 -11.71 11.51
C THR A 352 -2.51 -10.29 11.82
N PHE A 353 -3.46 -9.36 11.76
CA PHE A 353 -3.24 -7.95 12.08
C PHE A 353 -3.32 -7.79 13.60
N LEU A 354 -2.40 -7.01 14.13
CA LEU A 354 -2.21 -6.80 15.60
C LEU A 354 -2.25 -5.30 15.88
N ILE A 355 -2.97 -4.91 16.92
CA ILE A 355 -3.04 -3.51 17.39
C ILE A 355 -2.49 -3.48 18.82
N ASP A 356 -1.28 -2.95 18.95
CA ASP A 356 -0.62 -2.63 20.23
C ASP A 356 -1.37 -1.46 20.86
N PRO A 357 -1.91 -1.62 22.09
CA PRO A 357 -2.60 -0.51 22.74
C PRO A 357 -1.73 0.75 22.89
N GLN A 358 -0.40 0.64 22.87
CA GLN A 358 0.50 1.83 23.00
C GLN A 358 0.82 2.44 21.63
N ASP A 359 0.33 1.86 20.53
CA ASP A 359 0.66 2.36 19.17
C ASP A 359 -0.10 3.67 18.93
N PRO A 360 0.59 4.82 18.77
CA PRO A 360 -0.10 6.09 18.55
C PRO A 360 -0.76 6.15 17.18
N LEU A 361 -0.42 5.25 16.26
CA LEU A 361 -1.05 5.20 14.91
C LEU A 361 -1.87 3.91 14.76
N LYS A 362 -2.45 3.43 15.87
CA LYS A 362 -3.19 2.13 15.91
C LYS A 362 -4.30 2.09 14.85
N TYR A 363 -4.97 3.22 14.58
CA TYR A 363 -6.06 3.34 13.56
C TYR A 363 -5.56 4.02 12.28
N GLY A 364 -4.25 4.01 12.06
CA GLY A 364 -3.61 4.28 10.75
C GLY A 364 -3.67 5.74 10.32
N PHE A 365 -3.28 6.02 9.09
CA PHE A 365 -3.21 7.40 8.55
C PHE A 365 -3.33 7.33 7.04
N PHE A 366 -3.63 8.49 6.42
CA PHE A 366 -3.97 8.58 4.99
C PHE A 366 -3.04 9.56 4.23
N LEU A 367 -2.28 9.06 3.25
CA LEU A 367 -1.55 9.87 2.25
C LEU A 367 -1.87 9.38 0.84
N ARG A 368 -2.04 10.27 -0.15
CA ARG A 368 -2.06 9.89 -1.59
C ARG A 368 -1.72 11.07 -2.50
N MET B 21 -21.37 -21.39 9.90
CA MET B 21 -20.80 -20.62 8.74
C MET B 21 -19.62 -19.77 9.24
N PHE B 22 -19.87 -18.91 10.22
CA PHE B 22 -18.86 -18.07 10.90
C PHE B 22 -17.71 -18.94 11.42
N LYS B 23 -17.93 -20.23 11.69
CA LYS B 23 -16.83 -21.16 12.06
C LYS B 23 -16.04 -21.53 10.78
N LYS B 24 -16.74 -21.95 9.73
CA LYS B 24 -16.16 -22.18 8.37
C LYS B 24 -15.22 -21.02 8.05
N LEU B 25 -15.78 -19.80 8.15
CA LEU B 25 -15.08 -18.54 7.84
C LEU B 25 -13.83 -18.43 8.71
N GLU B 26 -13.99 -18.47 10.03
CA GLU B 26 -12.83 -18.40 10.95
C GLU B 26 -11.81 -19.47 10.57
N ASN B 27 -12.28 -20.70 10.31
CA ASN B 27 -11.43 -21.88 10.00
C ASN B 27 -10.61 -21.65 8.72
N LEU B 28 -11.08 -20.80 7.78
CA LEU B 28 -10.25 -20.27 6.67
C LEU B 28 -8.90 -19.80 7.20
N GLU B 29 -8.84 -19.38 8.48
CA GLU B 29 -7.58 -18.97 9.15
C GLU B 29 -6.57 -20.12 9.05
N LYS B 30 -7.06 -21.37 9.09
CA LYS B 30 -6.21 -22.58 9.15
C LYS B 30 -6.26 -23.32 7.81
N TRP B 31 -6.88 -22.72 6.78
CA TRP B 31 -6.73 -23.18 5.37
C TRP B 31 -5.25 -23.26 5.03
N GLU B 32 -4.83 -24.33 4.37
CA GLU B 32 -3.42 -24.60 4.04
C GLU B 32 -3.31 -24.77 2.54
N PRO B 33 -2.40 -24.05 1.86
CA PRO B 33 -2.33 -24.10 0.41
C PRO B 33 -1.74 -25.42 -0.05
N PRO B 34 -1.91 -25.81 -1.33
CA PRO B 34 -1.13 -26.89 -1.91
C PRO B 34 0.39 -26.78 -1.64
N LYS B 35 1.10 -27.90 -1.78
CA LYS B 35 2.53 -28.05 -1.43
C LYS B 35 3.40 -27.29 -2.44
N ASP B 36 2.91 -27.03 -3.65
CA ASP B 36 3.71 -26.31 -4.68
C ASP B 36 3.57 -24.79 -4.52
N TRP B 37 2.84 -24.29 -3.51
CA TRP B 37 2.71 -22.83 -3.24
C TRP B 37 3.93 -22.34 -2.47
N MET B 38 4.50 -21.21 -2.87
CA MET B 38 5.56 -20.53 -2.09
C MET B 38 4.90 -19.91 -0.86
N VAL B 39 5.53 -20.05 0.30
CA VAL B 39 5.08 -19.47 1.58
C VAL B 39 6.22 -18.61 2.13
N ILE B 40 5.95 -17.33 2.42
CA ILE B 40 6.95 -16.44 3.06
C ILE B 40 6.31 -15.81 4.28
N LYS B 41 6.89 -16.05 5.45
CA LYS B 41 6.31 -15.58 6.73
C LYS B 41 7.04 -14.31 7.12
N THR B 42 6.32 -13.30 7.60
CA THR B 42 6.88 -11.97 7.92
C THR B 42 6.31 -11.46 9.23
N LEU B 43 7.02 -10.54 9.84
CA LEU B 43 6.54 -9.69 10.95
C LEU B 43 6.61 -8.25 10.46
N ASP B 44 5.48 -7.57 10.43
CA ASP B 44 5.35 -6.18 9.92
C ASP B 44 5.34 -5.24 11.12
N THR B 45 6.08 -4.15 11.01
CA THR B 45 6.08 -3.03 11.98
C THR B 45 5.81 -1.72 11.25
N HIS B 46 5.50 -0.66 12.01
CA HIS B 46 5.74 0.73 11.58
C HIS B 46 6.71 1.39 12.58
N THR B 47 7.58 2.24 12.06
CA THR B 47 8.43 3.18 12.82
C THR B 47 8.03 4.58 12.37
N ALA B 48 7.33 5.34 13.22
CA ALA B 48 6.91 6.73 12.91
C ALA B 48 6.06 6.72 11.61
N GLY B 49 5.31 5.63 11.38
CA GLY B 49 4.40 5.42 10.25
C GLY B 49 5.03 4.65 9.08
N GLU B 50 6.35 4.47 9.08
CA GLU B 50 7.11 3.86 7.97
C GLU B 50 7.20 2.35 8.20
N PRO B 51 6.75 1.55 7.23
CA PRO B 51 6.65 0.11 7.46
C PRO B 51 8.03 -0.56 7.42
N LEU B 52 8.15 -1.68 8.13
CA LEU B 52 9.23 -2.66 7.85
C LEU B 52 8.60 -4.03 7.81
N ARG B 53 8.79 -4.71 6.69
CA ARG B 53 8.38 -6.11 6.49
C ARG B 53 9.61 -6.95 6.80
N ILE B 54 9.66 -7.55 7.98
CA ILE B 54 10.79 -8.42 8.44
C ILE B 54 10.53 -9.85 7.95
N ILE B 55 11.37 -10.36 7.06
CA ILE B 55 11.22 -11.74 6.50
C ILE B 55 11.63 -12.73 7.59
N LEU B 56 10.72 -13.61 8.03
CA LEU B 56 11.02 -14.67 9.04
C LEU B 56 11.44 -15.97 8.34
N SER B 57 10.93 -16.28 7.16
CA SER B 57 11.21 -17.55 6.46
C SER B 57 10.81 -17.48 4.98
N GLY B 58 11.30 -18.42 4.18
CA GLY B 58 10.88 -18.62 2.77
C GLY B 58 12.00 -18.27 1.80
N PHE B 59 13.09 -17.67 2.28
CA PHE B 59 14.26 -17.31 1.45
C PHE B 59 15.33 -18.38 1.60
N PRO B 60 16.16 -18.63 0.57
CA PRO B 60 17.29 -19.55 0.74
C PRO B 60 18.37 -18.85 1.57
N GLU B 61 19.45 -19.56 1.85
CA GLU B 61 20.64 -18.99 2.52
C GLU B 61 21.27 -18.03 1.51
N ILE B 62 21.87 -16.96 2.02
CA ILE B 62 22.41 -15.86 1.18
C ILE B 62 23.93 -15.89 1.33
N PRO B 63 24.67 -16.55 0.42
CA PRO B 63 26.11 -16.66 0.57
C PRO B 63 26.73 -15.26 0.44
N GLY B 64 27.87 -15.06 1.09
CA GLY B 64 28.72 -13.88 0.91
C GLY B 64 29.48 -13.59 2.18
N LYS B 65 30.76 -13.23 2.05
CA LYS B 65 31.69 -12.95 3.17
C LYS B 65 31.41 -11.57 3.75
N THR B 66 30.88 -10.66 2.93
CA THR B 66 30.51 -9.28 3.33
C THR B 66 29.01 -9.08 3.07
N ILE B 67 28.42 -8.08 3.71
CA ILE B 67 26.98 -7.74 3.49
C ILE B 67 26.79 -7.29 2.04
N LEU B 68 27.75 -6.54 1.47
CA LEU B 68 27.61 -6.05 0.07
C LEU B 68 27.62 -7.23 -0.92
N GLU B 69 28.36 -8.31 -0.61
CA GLU B 69 28.38 -9.54 -1.43
C GLU B 69 27.00 -10.20 -1.34
N LYS B 70 26.45 -10.26 -0.13
CA LYS B 70 25.11 -10.85 0.13
C LYS B 70 24.06 -10.03 -0.62
N ARG B 71 24.19 -8.70 -0.58
CA ARG B 71 23.27 -7.78 -1.31
C ARG B 71 23.33 -8.08 -2.81
N ARG B 72 24.53 -8.26 -3.38
CA ARG B 72 24.71 -8.65 -4.80
C ARG B 72 24.05 -10.00 -5.09
N TYR B 73 24.19 -10.99 -4.22
CA TYR B 73 23.53 -12.31 -4.41
C TYR B 73 22.01 -12.13 -4.52
N LEU B 74 21.42 -11.37 -3.60
CA LEU B 74 19.95 -11.10 -3.57
C LEU B 74 19.51 -10.37 -4.85
N MET B 75 20.23 -9.31 -5.22
CA MET B 75 19.93 -8.48 -6.42
C MET B 75 19.95 -9.37 -7.66
N GLU B 76 20.94 -10.27 -7.76
CA GLU B 76 21.15 -11.08 -8.99
C GLU B 76 20.20 -12.28 -9.03
N ASN B 77 19.76 -12.84 -7.90
CA ASN B 77 19.09 -14.16 -7.88
C ASN B 77 17.63 -14.06 -7.39
N LEU B 78 17.30 -13.06 -6.58
CA LEU B 78 16.07 -13.13 -5.75
C LEU B 78 15.27 -11.83 -5.85
N ASP B 79 15.40 -11.10 -6.96
CA ASP B 79 14.68 -9.81 -7.11
C ASP B 79 13.19 -10.05 -7.35
N HIS B 80 12.81 -11.16 -7.99
CA HIS B 80 11.41 -11.60 -8.15
C HIS B 80 10.71 -11.65 -6.77
N LEU B 81 11.38 -12.19 -5.76
CA LEU B 81 10.79 -12.34 -4.40
C LEU B 81 10.69 -10.97 -3.72
N ARG B 82 11.67 -10.11 -3.95
CA ARG B 82 11.65 -8.71 -3.44
C ARG B 82 10.38 -8.02 -3.98
N LYS B 83 10.13 -8.15 -5.28
CA LYS B 83 8.90 -7.58 -5.89
C LYS B 83 7.67 -8.23 -5.27
N ALA B 84 7.68 -9.55 -5.11
CA ALA B 84 6.54 -10.32 -4.59
C ALA B 84 6.13 -9.78 -3.22
N LEU B 85 7.09 -9.28 -2.44
CA LEU B 85 6.83 -8.84 -1.05
C LEU B 85 6.67 -7.32 -0.93
N MET B 86 7.37 -6.54 -1.76
CA MET B 86 7.39 -5.05 -1.65
C MET B 86 6.28 -4.46 -2.52
N TRP B 87 6.05 -5.03 -3.70
CA TRP B 87 5.05 -4.53 -4.66
C TRP B 87 3.64 -5.02 -4.35
N GLU B 88 2.65 -4.24 -4.77
CA GLU B 88 1.26 -4.73 -4.88
C GLU B 88 1.27 -6.08 -5.57
N PRO B 89 0.34 -7.00 -5.29
CA PRO B 89 -0.71 -6.78 -4.27
C PRO B 89 -0.33 -7.05 -2.79
N ARG B 90 0.77 -7.76 -2.52
CA ARG B 90 1.15 -8.11 -1.13
C ARG B 90 1.76 -6.90 -0.43
N GLY B 91 2.40 -5.99 -1.17
CA GLY B 91 2.90 -4.71 -0.64
C GLY B 91 2.24 -3.49 -1.26
N HIS B 92 3.02 -2.44 -1.49
CA HIS B 92 2.59 -1.16 -2.11
C HIS B 92 3.82 -0.29 -2.41
N ALA B 93 3.62 0.83 -3.10
CA ALA B 93 4.70 1.68 -3.66
C ALA B 93 5.63 2.15 -2.53
N ASP B 94 5.15 2.19 -1.29
CA ASP B 94 5.90 2.76 -0.14
C ASP B 94 6.25 1.68 0.90
N MET B 95 6.21 0.41 0.54
CA MET B 95 6.59 -0.74 1.41
C MET B 95 8.11 -0.87 1.47
N TYR B 96 8.61 -1.31 2.62
CA TYR B 96 10.06 -1.41 2.91
C TYR B 96 10.27 -2.74 3.64
N GLY B 97 11.37 -3.45 3.38
CA GLY B 97 11.58 -4.80 3.91
C GLY B 97 12.96 -4.99 4.49
N ALA B 98 13.17 -6.12 5.20
CA ALA B 98 14.49 -6.54 5.71
C ALA B 98 14.67 -8.03 5.57
N ILE B 99 15.82 -8.43 5.02
CA ILE B 99 16.36 -9.82 5.04
C ILE B 99 17.42 -9.86 6.15
N ILE B 100 17.23 -10.74 7.14
CA ILE B 100 18.18 -11.00 8.26
C ILE B 100 19.13 -12.10 7.84
N THR B 101 20.44 -11.90 8.02
CA THR B 101 21.49 -12.90 7.68
C THR B 101 22.34 -13.16 8.92
N GLU B 102 23.19 -14.19 8.84
CA GLU B 102 24.25 -14.43 9.85
C GLU B 102 25.10 -13.18 9.85
N PRO B 103 25.69 -12.78 11.01
CA PRO B 103 26.68 -11.71 11.04
C PRO B 103 27.87 -12.09 10.15
N VAL B 104 28.59 -11.10 9.62
CA VAL B 104 29.87 -11.35 8.89
C VAL B 104 31.04 -10.79 9.69
N SER B 105 30.82 -9.86 10.62
CA SER B 105 31.88 -9.28 11.50
C SER B 105 31.96 -10.06 12.82
N GLU B 106 33.08 -9.92 13.49
CA GLU B 106 33.47 -10.66 14.70
C GLU B 106 32.40 -10.42 15.77
N GLU B 107 31.94 -9.18 15.94
CA GLU B 107 31.14 -8.78 17.12
C GLU B 107 29.64 -8.60 16.84
N ALA B 108 29.17 -8.69 15.59
CA ALA B 108 27.76 -8.39 15.25
C ALA B 108 26.89 -9.59 15.65
N ASP B 109 25.66 -9.32 16.07
CA ASP B 109 24.59 -10.32 16.35
C ASP B 109 23.99 -10.85 15.05
N PHE B 110 23.72 -9.97 14.08
CA PHE B 110 23.18 -10.40 12.76
C PHE B 110 23.62 -9.40 11.68
N GLY B 111 23.38 -9.81 10.44
CA GLY B 111 23.57 -8.98 9.25
C GLY B 111 22.23 -8.70 8.61
N VAL B 112 22.16 -7.70 7.75
CA VAL B 112 20.84 -7.29 7.21
C VAL B 112 21.06 -6.69 5.82
N ILE B 113 20.15 -7.03 4.90
CA ILE B 113 19.99 -6.28 3.63
C ILE B 113 18.55 -5.79 3.57
N PHE B 114 18.37 -4.51 3.29
CA PHE B 114 17.05 -3.86 3.27
C PHE B 114 16.49 -3.99 1.86
N MET B 115 15.22 -3.66 1.70
CA MET B 115 14.63 -3.69 0.34
C MET B 115 13.47 -2.70 0.26
N HIS B 116 13.19 -2.21 -0.96
CA HIS B 116 12.18 -1.14 -1.20
C HIS B 116 11.57 -1.32 -2.59
N ASN B 117 10.91 -0.28 -3.11
CA ASN B 117 10.12 -0.40 -4.36
C ASN B 117 11.07 -0.55 -5.57
N GLU B 118 12.37 -0.33 -5.42
CA GLU B 118 13.30 -0.35 -6.58
C GLU B 118 14.33 -1.47 -6.47
N GLY B 119 14.62 -2.00 -5.29
CA GLY B 119 15.65 -3.04 -5.15
C GLY B 119 16.05 -3.34 -3.72
N TYR B 120 17.10 -4.12 -3.57
CA TYR B 120 17.78 -4.44 -2.28
C TYR B 120 18.64 -3.22 -1.93
N SER B 121 18.55 -2.75 -0.69
CA SER B 121 18.95 -1.39 -0.25
C SER B 121 20.09 -1.47 0.76
N THR B 122 20.83 -0.37 0.85
CA THR B 122 21.81 -0.12 1.92
C THR B 122 21.08 0.28 3.21
N MET B 123 21.86 0.68 4.20
CA MET B 123 21.45 1.00 5.59
C MET B 123 20.19 1.88 5.62
N CYS B 124 19.36 1.69 6.64
CA CYS B 124 18.09 2.43 6.82
C CYS B 124 17.80 2.53 8.32
N GLY B 125 17.56 3.74 8.81
CA GLY B 125 17.41 4.03 10.25
C GLY B 125 16.06 3.60 10.80
N HIS B 126 14.96 3.86 10.08
CA HIS B 126 13.62 3.51 10.59
C HIS B 126 13.59 2.00 10.80
N ALA B 127 14.22 1.25 9.90
CA ALA B 127 14.21 -0.23 9.92
C ALA B 127 15.07 -0.71 11.10
N THR B 128 16.19 -0.06 11.35
CA THR B 128 17.10 -0.39 12.49
C THR B 128 16.31 -0.25 13.79
N ILE B 129 15.56 0.85 13.94
CA ILE B 129 14.77 1.09 15.17
C ILE B 129 13.76 -0.07 15.31
N ALA B 130 13.08 -0.47 14.24
CA ALA B 130 12.07 -1.55 14.30
C ALA B 130 12.75 -2.84 14.73
N LEU B 131 13.92 -3.16 14.17
CA LEU B 131 14.61 -4.43 14.48
C LEU B 131 15.04 -4.42 15.95
N GLY B 132 15.52 -3.29 16.47
CA GLY B 132 15.85 -3.18 17.90
C GLY B 132 14.62 -3.42 18.76
N LYS B 133 13.49 -2.82 18.41
CA LYS B 133 12.22 -2.95 19.19
C LYS B 133 11.83 -4.43 19.24
N VAL B 134 11.79 -5.09 18.09
CA VAL B 134 11.33 -6.50 17.94
C VAL B 134 12.28 -7.43 18.70
N ALA B 135 13.59 -7.23 18.58
CA ALA B 135 14.62 -8.08 19.20
C ALA B 135 14.33 -8.21 20.70
N VAL B 136 14.00 -7.11 21.37
CA VAL B 136 13.78 -7.10 22.83
C VAL B 136 12.31 -7.48 23.12
N GLU B 137 11.36 -6.84 22.45
CA GLU B 137 9.91 -7.10 22.68
C GLU B 137 9.63 -8.58 22.49
N CYS B 138 10.23 -9.22 21.48
CA CYS B 138 9.88 -10.62 21.10
C CYS B 138 10.91 -11.60 21.64
N GLY B 139 11.85 -11.14 22.47
CA GLY B 139 12.75 -11.99 23.28
C GLY B 139 13.80 -12.71 22.45
N LEU B 140 14.30 -12.12 21.38
CA LEU B 140 15.44 -12.71 20.62
C LEU B 140 16.75 -12.43 21.35
N VAL B 141 16.78 -11.39 22.20
CA VAL B 141 17.97 -11.02 23.02
C VAL B 141 17.43 -10.78 24.43
N GLU B 142 18.30 -10.90 25.43
CA GLU B 142 17.91 -10.64 26.84
C GLU B 142 17.61 -9.14 26.97
N ALA B 143 16.53 -8.81 27.66
CA ALA B 143 16.13 -7.42 27.97
C ALA B 143 16.96 -6.93 29.16
N LYS B 144 18.14 -6.38 28.90
CA LYS B 144 19.02 -5.75 29.95
C LYS B 144 18.61 -4.30 30.19
N GLU B 145 18.63 -3.88 31.44
CA GLU B 145 18.25 -2.51 31.88
C GLU B 145 19.48 -1.83 32.47
N PRO B 146 19.68 -0.51 32.29
CA PRO B 146 18.79 0.35 31.52
C PRO B 146 18.96 0.26 30.01
N ILE B 147 20.07 -0.31 29.52
CA ILE B 147 20.40 -0.33 28.07
C ILE B 147 20.74 -1.76 27.65
N THR B 148 20.12 -2.22 26.55
CA THR B 148 20.48 -3.46 25.82
C THR B 148 21.21 -3.05 24.54
N GLU B 149 22.37 -3.62 24.27
CA GLU B 149 23.12 -3.31 23.03
C GLU B 149 22.94 -4.48 22.07
N ILE B 150 22.65 -4.18 20.82
CA ILE B 150 22.65 -5.16 19.70
C ILE B 150 23.53 -4.57 18.59
N LYS B 151 24.39 -5.40 18.01
CA LYS B 151 25.26 -4.98 16.89
C LYS B 151 24.79 -5.63 15.59
N MET B 152 24.76 -4.84 14.52
CA MET B 152 24.13 -5.22 13.23
C MET B 152 25.10 -4.86 12.10
N ASP B 153 25.48 -5.83 11.30
CA ASP B 153 26.22 -5.60 10.03
C ASP B 153 25.23 -5.11 8.97
N SER B 154 25.24 -3.82 8.67
CA SER B 154 24.46 -3.22 7.56
C SER B 154 25.34 -3.14 6.32
N PRO B 155 24.77 -2.94 5.12
CA PRO B 155 25.57 -2.76 3.90
C PRO B 155 26.54 -1.58 3.99
N ALA B 156 26.27 -0.61 4.86
CA ALA B 156 27.09 0.60 5.05
C ALA B 156 28.16 0.37 6.13
N GLY B 157 28.07 -0.74 6.88
CA GLY B 157 29.00 -1.00 7.98
C GLY B 157 28.28 -1.30 9.28
N LEU B 158 29.05 -1.29 10.37
CA LEU B 158 28.61 -1.79 11.70
C LEU B 158 27.70 -0.74 12.35
N ILE B 159 26.54 -1.17 12.84
CA ILE B 159 25.53 -0.30 13.47
C ILE B 159 25.41 -0.77 14.92
N LYS B 160 25.41 0.17 15.85
CA LYS B 160 25.23 -0.14 17.28
C LYS B 160 23.84 0.31 17.72
N ILE B 161 23.01 -0.66 18.13
CA ILE B 161 21.62 -0.40 18.56
C ILE B 161 21.63 -0.40 20.08
N TYR B 162 21.07 0.66 20.67
CA TYR B 162 20.93 0.83 22.13
C TYR B 162 19.44 0.92 22.43
N VAL B 163 18.88 -0.15 22.99
CA VAL B 163 17.45 -0.19 23.42
C VAL B 163 17.38 0.19 24.89
N LYS B 164 16.69 1.29 25.19
CA LYS B 164 16.33 1.73 26.55
C LYS B 164 15.22 0.81 27.05
N VAL B 165 15.49 0.06 28.12
CA VAL B 165 14.52 -0.92 28.70
C VAL B 165 14.26 -0.54 30.16
N ARG B 166 12.99 -0.47 30.53
CA ARG B 166 12.52 -0.22 31.93
C ARG B 166 11.38 -1.20 32.26
N ASP B 167 11.54 -1.96 33.36
CA ASP B 167 10.54 -2.96 33.87
C ASP B 167 10.27 -3.97 32.75
N GLY B 168 11.31 -4.40 32.06
CA GLY B 168 11.23 -5.41 31.00
C GLY B 168 10.55 -4.91 29.73
N LYS B 169 10.20 -3.60 29.62
CA LYS B 169 9.52 -2.98 28.45
C LYS B 169 10.45 -2.01 27.73
N VAL B 170 10.40 -2.00 26.41
CA VAL B 170 11.18 -1.05 25.57
C VAL B 170 10.56 0.34 25.74
N GLU B 171 11.34 1.32 26.16
CA GLU B 171 10.88 2.74 26.24
C GLU B 171 11.23 3.46 24.93
N LYS B 172 12.37 3.16 24.33
CA LYS B 172 12.95 3.90 23.18
C LYS B 172 14.04 3.04 22.54
N VAL B 173 14.23 3.16 21.24
CA VAL B 173 15.34 2.49 20.49
C VAL B 173 16.21 3.59 19.89
N TYR B 174 17.51 3.55 20.20
CA TYR B 174 18.52 4.42 19.59
C TYR B 174 19.43 3.56 18.75
N PHE B 175 20.07 4.18 17.77
CA PHE B 175 21.26 3.58 17.13
C PHE B 175 22.29 4.68 16.94
N HIS B 176 23.55 4.24 16.93
CA HIS B 176 24.73 5.03 16.55
C HIS B 176 25.13 4.52 15.17
N ASN B 177 25.13 5.42 14.21
CA ASN B 177 25.30 5.11 12.76
C ASN B 177 26.79 5.05 12.44
N VAL B 178 27.06 4.62 11.23
CA VAL B 178 28.41 4.72 10.62
C VAL B 178 28.79 6.21 10.54
N PRO B 179 30.10 6.52 10.43
CA PRO B 179 30.54 7.92 10.27
C PRO B 179 29.76 8.63 9.15
N SER B 180 29.21 9.80 9.49
CA SER B 180 28.33 10.65 8.66
C SER B 180 29.05 11.98 8.42
N PHE B 181 29.02 12.49 7.19
CA PHE B 181 29.89 13.60 6.71
C PHE B 181 29.21 14.36 5.56
N VAL B 182 29.65 15.61 5.38
CA VAL B 182 29.19 16.48 4.27
C VAL B 182 30.08 16.24 3.05
N LEU B 183 29.45 15.99 1.90
CA LEU B 183 30.15 15.76 0.62
C LEU B 183 30.26 17.07 -0.16
N PHE B 184 29.15 17.81 -0.27
CA PHE B 184 29.04 19.11 -0.97
C PHE B 184 28.18 20.04 -0.12
N LYS B 185 28.47 21.34 -0.19
CA LYS B 185 27.80 22.37 0.64
C LYS B 185 27.40 23.52 -0.29
N ASP B 186 26.16 24.01 -0.20
CA ASP B 186 25.73 25.28 -0.84
C ASP B 186 26.00 25.20 -2.35
N GLU B 187 25.69 24.06 -2.97
CA GLU B 187 25.69 23.88 -4.43
C GLU B 187 24.37 24.39 -4.98
N THR B 188 24.33 24.66 -6.29
CA THR B 188 23.11 24.94 -7.05
C THR B 188 23.14 24.06 -8.27
N ILE B 189 21.98 23.59 -8.72
CA ILE B 189 21.87 22.75 -9.94
C ILE B 189 20.63 23.21 -10.69
N ASN B 190 20.72 23.22 -12.02
CA ASN B 190 19.57 23.57 -12.87
C ASN B 190 18.72 22.31 -13.01
N VAL B 191 17.49 22.38 -12.55
CA VAL B 191 16.54 21.24 -12.68
C VAL B 191 15.54 21.59 -13.78
N PRO B 192 15.58 20.92 -14.94
CA PRO B 192 14.65 21.24 -16.04
C PRO B 192 13.18 21.27 -15.58
N GLY B 193 12.49 22.36 -15.90
CA GLY B 193 11.05 22.55 -15.61
C GLY B 193 10.85 23.05 -14.20
N ILE B 194 11.91 23.24 -13.43
CA ILE B 194 11.85 23.68 -12.02
C ILE B 194 12.70 24.93 -11.85
N GLY B 195 13.97 24.88 -12.29
CA GLY B 195 14.89 26.03 -12.24
C GLY B 195 16.06 25.76 -11.33
N GLU B 196 16.68 26.81 -10.78
CA GLU B 196 17.95 26.71 -9.99
C GLU B 196 17.59 26.23 -8.59
N VAL B 197 18.12 25.06 -8.20
CA VAL B 197 17.84 24.49 -6.86
C VAL B 197 19.14 24.46 -6.06
N LYS B 198 19.10 25.07 -4.87
CA LYS B 198 20.21 25.07 -3.89
C LYS B 198 20.11 23.81 -3.01
N TYR B 199 21.23 23.12 -2.79
CA TYR B 199 21.28 21.87 -2.00
C TYR B 199 22.60 21.71 -1.27
N ASP B 200 22.54 20.99 -0.14
CA ASP B 200 23.71 20.34 0.51
C ASP B 200 23.63 18.84 0.21
N LEU B 201 24.76 18.18 0.06
CA LEU B 201 24.79 16.72 -0.15
C LEU B 201 25.62 16.10 0.98
N ALA B 202 24.99 15.23 1.78
CA ALA B 202 25.62 14.61 2.95
C ALA B 202 25.34 13.11 2.98
N TYR B 203 26.21 12.38 3.67
CA TYR B 203 26.13 10.91 3.88
C TYR B 203 25.78 10.62 5.35
N GLY B 204 24.74 9.81 5.56
CA GLY B 204 24.31 9.34 6.88
C GLY B 204 24.07 7.84 6.86
N GLY B 205 24.93 7.08 6.20
CA GLY B 205 24.74 5.66 5.88
C GLY B 205 24.02 5.50 4.54
N ALA B 206 23.59 6.63 3.96
CA ALA B 206 23.15 6.77 2.56
C ALA B 206 23.37 8.23 2.17
N PHE B 207 23.43 8.55 0.89
CA PHE B 207 23.70 9.91 0.37
C PHE B 207 22.38 10.60 0.06
N TYR B 208 22.23 11.83 0.53
CA TYR B 208 21.01 12.65 0.32
C TYR B 208 21.39 14.06 -0.12
N ALA B 209 20.61 14.61 -1.06
CA ALA B 209 20.59 16.06 -1.37
C ALA B 209 19.48 16.68 -0.51
N PHE B 210 19.86 17.61 0.35
CA PHE B 210 18.93 18.40 1.19
C PHE B 210 18.56 19.68 0.45
N VAL B 211 17.27 19.97 0.34
CA VAL B 211 16.75 21.20 -0.33
C VAL B 211 15.70 21.82 0.61
N ASN B 212 15.50 23.12 0.53
CA ASN B 212 14.47 23.83 1.34
C ASN B 212 13.13 23.81 0.58
N ALA B 213 12.11 23.24 1.19
CA ALA B 213 10.77 23.07 0.58
C ALA B 213 10.17 24.45 0.27
N GLU B 214 10.14 25.33 1.26
CA GLU B 214 9.44 26.65 1.19
C GLU B 214 10.12 27.49 0.10
N GLU B 215 11.44 27.40 -0.04
CA GLU B 215 12.17 28.13 -1.10
C GLU B 215 11.74 27.62 -2.48
N ILE B 216 11.35 26.36 -2.62
CA ILE B 216 10.90 25.77 -3.91
C ILE B 216 9.39 25.99 -4.06
N GLY B 217 8.71 26.54 -3.05
CA GLY B 217 7.26 26.79 -3.08
C GLY B 217 6.43 25.61 -2.59
N LEU B 218 6.99 24.68 -1.83
CA LEU B 218 6.26 23.50 -1.31
C LEU B 218 6.14 23.63 0.20
N LYS B 219 5.25 22.83 0.81
CA LYS B 219 5.26 22.54 2.25
C LYS B 219 5.49 21.03 2.41
N CYS B 220 6.13 20.64 3.51
CA CYS B 220 6.35 19.22 3.92
C CYS B 220 5.07 18.74 4.62
N THR B 221 3.97 18.67 3.89
CA THR B 221 2.63 18.30 4.40
C THR B 221 1.93 17.35 3.43
N PRO B 222 0.95 16.55 3.91
CA PRO B 222 0.20 15.63 3.05
C PRO B 222 -0.38 16.26 1.78
N GLU B 223 -0.79 17.53 1.85
CA GLU B 223 -1.41 18.28 0.73
C GLU B 223 -0.41 18.35 -0.44
N TYR B 224 0.90 18.25 -0.19
CA TYR B 224 1.94 18.40 -1.24
C TYR B 224 2.55 17.06 -1.64
N TYR B 225 1.95 15.94 -1.23
CA TYR B 225 2.52 14.59 -1.43
C TYR B 225 2.98 14.41 -2.87
N ARG B 226 2.10 14.66 -3.83
CA ARG B 226 2.35 14.40 -5.28
C ARG B 226 3.50 15.28 -5.76
N GLN B 227 3.49 16.55 -5.36
CA GLN B 227 4.47 17.56 -5.86
C GLN B 227 5.83 17.24 -5.25
N LEU B 228 5.87 16.77 -4.00
CA LEU B 228 7.14 16.39 -3.31
C LEU B 228 7.77 15.23 -4.08
N ILE B 229 6.97 14.25 -4.53
CA ILE B 229 7.48 13.09 -5.33
C ILE B 229 8.07 13.61 -6.64
N ASP B 230 7.29 14.42 -7.35
CA ASP B 230 7.62 14.90 -8.72
C ASP B 230 8.93 15.71 -8.65
N VAL B 231 8.94 16.74 -7.81
CA VAL B 231 10.11 17.67 -7.71
C VAL B 231 11.31 16.92 -7.12
N GLY B 232 11.08 16.06 -6.11
CA GLY B 232 12.16 15.31 -5.48
C GLY B 232 12.87 14.38 -6.45
N MET B 233 12.11 13.76 -7.37
CA MET B 233 12.66 12.78 -8.33
C MET B 233 13.38 13.53 -9.45
N LYS B 234 12.93 14.73 -9.80
CA LYS B 234 13.63 15.58 -10.81
C LYS B 234 14.95 16.08 -10.19
N ILE B 235 14.92 16.53 -8.93
CA ILE B 235 16.17 16.98 -8.26
C ILE B 235 17.15 15.80 -8.22
N LYS B 236 16.67 14.63 -7.78
CA LYS B 236 17.47 13.38 -7.65
C LYS B 236 18.11 13.03 -9.00
N ARG B 237 17.33 12.97 -10.07
CA ARG B 237 17.84 12.53 -11.40
C ARG B 237 18.85 13.57 -11.91
N ALA B 238 18.60 14.85 -11.69
CA ALA B 238 19.50 15.93 -12.14
C ALA B 238 20.85 15.79 -11.43
N ILE B 239 20.85 15.62 -10.09
CA ILE B 239 22.10 15.53 -9.30
C ILE B 239 22.83 14.24 -9.69
N MET B 240 22.11 13.14 -9.92
CA MET B 240 22.73 11.85 -10.29
C MET B 240 23.45 11.98 -11.64
N SER B 241 22.89 12.76 -12.57
CA SER B 241 23.46 12.91 -13.92
C SER B 241 24.65 13.85 -13.91
N GLU B 242 24.75 14.76 -12.94
CA GLU B 242 25.74 15.85 -12.99
C GLU B 242 26.89 15.67 -11.99
N LYS B 243 26.67 15.05 -10.83
CA LYS B 243 27.65 15.04 -9.71
C LYS B 243 28.17 13.64 -9.48
N GLU B 244 29.46 13.55 -9.20
CA GLU B 244 30.12 12.30 -8.74
C GLU B 244 29.83 12.18 -7.25
N ILE B 245 29.15 11.09 -6.85
CA ILE B 245 28.75 10.76 -5.46
C ILE B 245 29.54 9.51 -5.07
N ARG B 246 30.69 9.72 -4.45
CA ARG B 246 31.71 8.67 -4.24
C ARG B 246 31.73 8.38 -2.73
N HIS B 247 31.39 7.15 -2.35
CA HIS B 247 31.72 6.62 -1.01
C HIS B 247 33.23 6.36 -1.00
N PRO B 248 33.99 6.80 0.02
CA PRO B 248 35.44 6.64 0.01
C PRO B 248 35.95 5.19 -0.14
N PHE B 249 35.19 4.17 0.24
CA PHE B 249 35.71 2.77 0.30
C PHE B 249 34.92 1.80 -0.58
N GLU B 250 33.67 2.03 -0.93
CA GLU B 250 32.80 1.00 -1.57
C GLU B 250 32.09 1.58 -2.79
N GLU B 251 32.43 1.08 -3.98
CA GLU B 251 31.77 1.44 -5.26
C GLU B 251 30.26 1.23 -5.16
N ASP B 252 29.81 0.15 -4.52
CA ASP B 252 28.36 -0.20 -4.49
C ASP B 252 27.57 0.82 -3.67
N LEU B 253 28.23 1.62 -2.82
CA LEU B 253 27.55 2.64 -1.98
C LEU B 253 27.64 4.01 -2.65
N SER B 254 28.30 4.09 -3.81
CA SER B 254 28.60 5.38 -4.50
C SER B 254 27.42 5.82 -5.37
N PHE B 255 26.30 6.23 -4.79
CA PHE B 255 25.12 6.72 -5.54
C PHE B 255 24.23 7.57 -4.62
N LEU B 256 23.42 8.45 -5.22
CA LEU B 256 22.46 9.28 -4.46
C LEU B 256 21.22 8.42 -4.14
N TYR B 257 20.95 8.23 -2.85
CA TYR B 257 19.78 7.47 -2.33
C TYR B 257 18.49 8.29 -2.52
N GLY B 258 18.54 9.60 -2.28
CA GLY B 258 17.29 10.39 -2.34
C GLY B 258 17.48 11.88 -2.17
N THR B 259 16.36 12.58 -2.26
CA THR B 259 16.21 14.02 -2.00
C THR B 259 15.46 14.16 -0.69
N ILE B 260 15.96 14.98 0.21
CA ILE B 260 15.23 15.31 1.47
C ILE B 260 14.85 16.79 1.45
N PHE B 261 13.54 17.05 1.45
CA PHE B 261 12.97 18.40 1.65
C PHE B 261 13.02 18.73 3.13
N ILE B 262 13.63 19.87 3.43
CA ILE B 262 13.62 20.49 4.77
C ILE B 262 12.45 21.47 4.84
N GLY B 263 11.61 21.31 5.85
CA GLY B 263 10.48 22.21 6.11
C GLY B 263 10.52 22.77 7.50
N GLU B 264 9.79 23.86 7.71
CA GLU B 264 9.58 24.46 9.04
C GLU B 264 8.90 23.45 9.95
N PRO B 265 9.26 23.43 11.24
CA PRO B 265 8.63 22.56 12.21
C PRO B 265 7.19 22.99 12.54
N GLU B 266 6.27 22.02 12.63
CA GLU B 266 4.88 22.25 13.08
C GLU B 266 4.88 22.50 14.59
N ASP B 267 5.64 21.73 15.37
CA ASP B 267 5.53 21.71 16.86
C ASP B 267 6.65 22.54 17.49
N GLU B 268 6.34 23.14 18.64
CA GLU B 268 7.22 24.11 19.36
C GLU B 268 8.62 23.53 19.55
N ASN B 269 8.76 22.29 19.99
CA ASN B 269 10.07 21.70 20.39
C ASN B 269 10.78 21.04 19.20
N SER B 270 10.19 21.05 18.02
CA SER B 270 10.79 20.41 16.83
C SER B 270 11.77 21.38 16.20
N HIS B 271 12.90 20.86 15.74
CA HIS B 271 13.92 21.64 14.99
C HIS B 271 13.38 21.97 13.59
N SER B 272 12.89 20.96 12.86
CA SER B 272 12.56 21.05 11.43
C SER B 272 11.82 19.79 11.02
N ARG B 273 11.45 19.72 9.75
CA ARG B 273 10.67 18.59 9.19
C ARG B 273 11.43 18.06 7.97
N HIS B 274 11.42 16.74 7.78
CA HIS B 274 12.02 16.05 6.62
C HIS B 274 10.92 15.38 5.79
N VAL B 275 11.05 15.44 4.47
CA VAL B 275 10.37 14.51 3.54
C VAL B 275 11.41 13.97 2.57
N CYS B 276 11.67 12.69 2.70
CA CYS B 276 12.67 11.96 1.89
C CYS B 276 11.96 11.29 0.72
N ILE B 277 12.39 11.63 -0.50
CA ILE B 277 11.98 10.95 -1.76
C ILE B 277 13.15 10.04 -2.16
N PHE B 278 12.93 8.76 -2.25
CA PHE B 278 14.01 7.76 -2.46
C PHE B 278 13.53 6.67 -3.40
N ALA B 279 14.46 5.82 -3.84
CA ALA B 279 14.16 4.67 -4.71
C ALA B 279 13.37 5.21 -5.92
N ASP B 280 12.29 4.53 -6.32
CA ASP B 280 11.47 4.95 -7.49
C ASP B 280 10.25 5.74 -7.01
N GLY B 281 10.47 7.01 -6.64
CA GLY B 281 9.45 7.96 -6.14
C GLY B 281 8.83 7.51 -4.82
N GLU B 282 9.57 6.70 -4.05
CA GLU B 282 9.10 6.24 -2.73
C GLU B 282 9.18 7.41 -1.75
N VAL B 283 8.24 7.49 -0.81
CA VAL B 283 8.23 8.57 0.22
C VAL B 283 8.33 7.92 1.61
N ASP B 284 9.30 8.40 2.38
CA ASP B 284 9.49 7.99 3.79
C ASP B 284 8.44 8.73 4.63
N ARG B 285 7.62 7.97 5.36
CA ARG B 285 6.63 8.51 6.32
C ARG B 285 7.33 8.85 7.64
N SER B 286 8.52 8.34 7.87
CA SER B 286 9.36 8.70 9.05
C SER B 286 10.18 9.93 8.69
N PRO B 287 10.86 10.56 9.68
CA PRO B 287 11.85 11.60 9.38
C PRO B 287 13.11 11.09 8.66
N THR B 288 13.26 9.78 8.47
CA THR B 288 14.40 9.11 7.79
C THR B 288 15.63 9.11 8.73
N GLY B 289 16.05 7.94 9.21
CA GLY B 289 17.15 7.80 10.19
C GLY B 289 18.50 8.12 9.57
N THR B 290 18.77 7.61 8.37
CA THR B 290 19.96 7.99 7.58
C THR B 290 19.91 9.49 7.22
N GLY B 291 18.70 10.03 7.06
CA GLY B 291 18.48 11.45 6.76
C GLY B 291 18.85 12.32 7.94
N VAL B 292 18.39 11.96 9.13
CA VAL B 292 18.71 12.71 10.38
C VAL B 292 20.22 12.61 10.60
N SER B 293 20.79 11.43 10.36
CA SER B 293 22.24 11.18 10.48
C SER B 293 23.00 12.17 9.57
N ALA B 294 22.61 12.29 8.30
CA ALA B 294 23.29 13.17 7.33
C ALA B 294 23.06 14.64 7.70
N ARG B 295 21.86 14.96 8.20
CA ARG B 295 21.47 16.34 8.60
C ARG B 295 22.33 16.79 9.78
N LEU B 296 22.52 15.93 10.79
CA LEU B 296 23.38 16.22 11.95
C LEU B 296 24.79 16.58 11.48
N ALA B 297 25.31 15.86 10.47
CA ALA B 297 26.64 16.14 9.87
C ALA B 297 26.67 17.56 9.29
N ILE B 298 25.64 17.96 8.57
CA ILE B 298 25.52 19.31 7.97
C ILE B 298 25.45 20.34 9.10
N LEU B 299 24.53 20.17 10.06
CA LEU B 299 24.35 21.20 11.13
C LEU B 299 25.65 21.32 11.93
N TYR B 300 26.35 20.21 12.16
CA TYR B 300 27.59 20.20 12.98
C TYR B 300 28.69 20.95 12.22
N GLU B 301 28.91 20.61 10.95
CA GLU B 301 29.89 21.29 10.08
C GLU B 301 29.59 22.78 9.99
N LYS B 302 28.33 23.21 10.01
CA LYS B 302 27.92 24.64 9.93
C LYS B 302 27.98 25.30 11.32
N GLY B 303 28.32 24.57 12.37
CA GLY B 303 28.43 25.12 13.73
C GLY B 303 27.07 25.46 14.31
N GLU B 304 26.01 24.79 13.86
CA GLU B 304 24.62 25.10 14.32
C GLU B 304 24.22 24.18 15.48
N ILE B 305 24.92 23.07 15.70
CA ILE B 305 24.69 22.21 16.88
C ILE B 305 26.03 21.74 17.41
N ASP B 306 26.03 21.36 18.67
CA ASP B 306 27.23 20.94 19.43
C ASP B 306 27.09 19.47 19.82
N ILE B 307 28.20 18.87 20.24
CA ILE B 307 28.20 17.48 20.77
C ILE B 307 27.24 17.42 21.96
N GLY B 308 26.37 16.40 21.97
CA GLY B 308 25.43 16.10 23.07
C GLY B 308 24.16 16.93 23.01
N GLU B 309 23.97 17.75 21.98
CA GLU B 309 22.76 18.60 21.83
C GLU B 309 21.69 17.80 21.06
N GLU B 310 20.63 17.39 21.73
CA GLU B 310 19.52 16.60 21.11
C GLU B 310 18.55 17.52 20.35
N ILE B 311 18.20 17.16 19.12
CA ILE B 311 17.14 17.87 18.34
C ILE B 311 16.08 16.84 17.94
N THR B 312 14.89 17.34 17.59
CA THR B 312 13.73 16.53 17.15
C THR B 312 13.36 16.96 15.73
N ILE B 313 13.24 15.98 14.85
CA ILE B 313 12.86 16.24 13.45
C ILE B 313 11.57 15.48 13.15
N GLU B 314 10.63 16.18 12.51
CA GLU B 314 9.31 15.68 12.10
C GLU B 314 9.35 15.10 10.68
N SER B 315 8.27 14.37 10.35
CA SER B 315 7.97 13.75 9.04
C SER B 315 6.78 14.46 8.40
N ILE B 316 6.45 14.08 7.18
CA ILE B 316 5.24 14.59 6.47
C ILE B 316 3.97 14.34 7.30
N ILE B 317 3.93 13.33 8.17
CA ILE B 317 2.71 13.03 9.00
C ILE B 317 2.94 13.45 10.45
N GLY B 318 3.98 14.24 10.72
CA GLY B 318 4.20 14.82 12.05
C GLY B 318 4.72 13.81 13.05
N THR B 319 5.22 12.64 12.61
CA THR B 319 5.92 11.68 13.49
C THR B 319 7.37 12.17 13.65
N LYS B 320 8.08 11.65 14.65
CA LYS B 320 9.35 12.29 15.09
C LYS B 320 10.46 11.28 15.36
N PHE B 321 11.70 11.70 15.12
CA PHE B 321 12.94 11.06 15.63
C PHE B 321 13.71 12.11 16.41
N THR B 322 14.48 11.68 17.41
CA THR B 322 15.54 12.54 18.01
C THR B 322 16.86 12.31 17.26
N GLY B 323 17.72 13.32 17.26
CA GLY B 323 19.07 13.21 16.69
C GLY B 323 20.05 13.89 17.62
N LYS B 324 21.27 13.38 17.69
CA LYS B 324 22.32 13.97 18.54
C LYS B 324 23.68 13.61 17.95
N VAL B 325 24.59 14.57 17.94
CA VAL B 325 26.01 14.33 17.62
C VAL B 325 26.65 13.65 18.85
N VAL B 326 27.15 12.43 18.69
CA VAL B 326 27.77 11.63 19.78
C VAL B 326 29.23 12.06 19.93
N GLU B 327 29.94 12.16 18.82
CA GLU B 327 31.38 12.50 18.83
C GLU B 327 31.85 12.87 17.43
N GLU B 328 33.06 13.42 17.34
CA GLU B 328 33.75 13.76 16.07
C GLU B 328 34.66 12.62 15.66
N THR B 329 34.83 12.46 14.37
CA THR B 329 35.73 11.43 13.81
C THR B 329 36.15 11.89 12.42
N ARG B 330 36.92 11.07 11.73
CA ARG B 330 37.28 11.24 10.31
C ARG B 330 36.78 10.00 9.59
N TYR B 331 36.50 10.13 8.31
CA TYR B 331 36.13 9.00 7.43
C TYR B 331 36.73 9.26 6.06
N GLY B 332 37.71 8.45 5.66
CA GLY B 332 38.56 8.81 4.52
C GLY B 332 39.12 10.21 4.74
N LEU B 333 38.93 11.12 3.79
CA LEU B 333 39.50 12.49 3.91
C LEU B 333 38.50 13.45 4.56
N TYR B 334 37.34 12.98 5.02
CA TYR B 334 36.27 13.88 5.55
C TYR B 334 36.35 14.03 7.06
N ARG B 335 36.08 15.25 7.55
CA ARG B 335 35.58 15.49 8.91
C ARG B 335 34.21 14.80 9.01
N ALA B 336 33.99 14.05 10.07
CA ALA B 336 32.76 13.23 10.22
C ALA B 336 32.26 13.31 11.65
N ILE B 337 31.07 12.75 11.85
CA ILE B 337 30.46 12.56 13.18
C ILE B 337 29.97 11.10 13.27
N ILE B 338 29.83 10.63 14.51
CA ILE B 338 28.92 9.50 14.85
C ILE B 338 27.62 10.17 15.28
N PRO B 339 26.53 9.95 14.53
CA PRO B 339 25.22 10.43 14.94
C PRO B 339 24.45 9.35 15.71
N GLU B 340 23.65 9.81 16.66
CA GLU B 340 22.64 9.01 17.37
C GLU B 340 21.26 9.40 16.82
N VAL B 341 20.44 8.41 16.47
CA VAL B 341 19.01 8.64 16.10
C VAL B 341 18.15 7.81 17.07
N GLY B 342 17.09 8.43 17.58
CA GLY B 342 16.19 7.79 18.55
C GLY B 342 14.78 7.76 18.03
N GLY B 343 14.06 6.67 18.32
CA GLY B 343 12.64 6.55 17.99
C GLY B 343 12.03 5.31 18.58
N ASN B 344 10.93 4.85 18.00
CA ASN B 344 10.22 3.66 18.52
C ASN B 344 9.46 3.07 17.34
N ALA B 345 9.06 1.82 17.48
CA ALA B 345 8.38 1.04 16.43
C ALA B 345 7.28 0.22 17.11
N TYR B 346 6.26 -0.17 16.35
CA TYR B 346 5.15 -1.02 16.84
C TYR B 346 4.91 -2.16 15.85
N ILE B 347 4.69 -3.36 16.38
CA ILE B 347 4.25 -4.54 15.59
C ILE B 347 2.82 -4.29 15.11
N VAL B 348 2.55 -4.54 13.83
CA VAL B 348 1.18 -4.29 13.28
C VAL B 348 0.63 -5.55 12.65
N ALA B 349 1.44 -6.60 12.41
CA ALA B 349 0.94 -7.83 11.77
C ALA B 349 1.95 -8.96 11.85
N LYS B 350 1.45 -10.19 11.83
CA LYS B 350 2.21 -11.42 11.48
C LYS B 350 1.61 -11.94 10.17
N ASN B 351 2.39 -12.00 9.10
CA ASN B 351 1.85 -12.26 7.75
C ASN B 351 2.40 -13.58 7.25
N THR B 352 1.54 -14.37 6.60
CA THR B 352 1.92 -15.55 5.79
C THR B 352 1.55 -15.20 4.35
N PHE B 353 2.55 -14.80 3.58
CA PHE B 353 2.40 -14.46 2.16
C PHE B 353 2.44 -15.74 1.34
N LEU B 354 1.54 -15.84 0.37
CA LEU B 354 1.31 -17.06 -0.44
C LEU B 354 1.41 -16.69 -1.92
N ILE B 355 2.11 -17.51 -2.67
CA ILE B 355 2.25 -17.36 -4.14
C ILE B 355 1.65 -18.60 -4.78
N ASP B 356 0.46 -18.43 -5.35
CA ASP B 356 -0.24 -19.42 -6.20
C ASP B 356 0.54 -19.56 -7.49
N PRO B 357 1.04 -20.76 -7.84
CA PRO B 357 1.77 -20.92 -9.11
C PRO B 357 0.96 -20.48 -10.34
N GLN B 358 -0.38 -20.44 -10.28
CA GLN B 358 -1.21 -20.01 -11.43
C GLN B 358 -1.44 -18.48 -11.40
N ASP B 359 -0.96 -17.75 -10.40
CA ASP B 359 -1.23 -16.30 -10.28
C ASP B 359 -0.38 -15.55 -11.32
N PRO B 360 -1.00 -14.91 -12.32
CA PRO B 360 -0.23 -14.19 -13.34
C PRO B 360 0.41 -12.91 -12.77
N LEU B 361 0.03 -12.46 -11.58
CA LEU B 361 0.70 -11.30 -10.92
C LEU B 361 1.49 -11.76 -9.68
N LYS B 362 2.02 -12.99 -9.70
CA LYS B 362 2.71 -13.61 -8.55
C LYS B 362 3.87 -12.74 -8.04
N TYR B 363 4.60 -12.05 -8.92
CA TYR B 363 5.74 -11.16 -8.57
C TYR B 363 5.33 -9.68 -8.66
N GLY B 364 4.03 -9.41 -8.61
CA GLY B 364 3.48 -8.08 -8.32
C GLY B 364 3.60 -7.10 -9.47
N PHE B 365 3.25 -5.85 -9.22
CA PHE B 365 3.29 -4.76 -10.21
C PHE B 365 3.46 -3.44 -9.47
N PHE B 366 3.80 -2.40 -10.22
CA PHE B 366 4.20 -1.08 -9.70
C PHE B 366 3.35 0.04 -10.32
N LEU B 367 2.62 0.79 -9.49
CA LEU B 367 1.90 2.05 -9.83
C LEU B 367 2.21 3.12 -8.79
N ARG B 368 2.47 4.38 -9.19
CA ARG B 368 2.55 5.51 -8.23
C ARG B 368 2.32 6.88 -8.89
C HY3 C . -15.65 -3.05 -8.47
O HY3 C . -14.97 -3.89 -9.12
N HY3 C . -13.38 -2.36 -7.46
CA HY3 C . -14.96 -2.30 -7.35
C3 HY3 C . -15.25 -0.99 -7.30
C4 HY3 C . -13.96 -0.27 -6.77
C5 HY3 C . -12.92 -1.46 -6.62
O2 HY3 C . -16.31 -0.92 -6.36
OXT HY3 C . -16.87 -2.83 -8.67
C HY3 D . 15.59 5.54 6.98
O HY3 D . 16.84 5.75 6.89
N HY3 D . 13.29 5.06 5.82
CA HY3 D . 14.89 4.90 5.78
C3 HY3 D . 15.20 5.50 4.60
C4 HY3 D . 13.97 5.47 3.65
C5 HY3 D . 12.84 4.87 4.58
O2 HY3 D . 16.21 4.73 4.02
OXT HY3 D . 14.91 5.86 8.00
#